data_1JAA
#
_entry.id   1JAA
#
_cell.length_a   ?
_cell.length_b   ?
_cell.length_c   ?
_cell.angle_alpha   ?
_cell.angle_beta   ?
_cell.angle_gamma   ?
#
_entity_poly.entity_id   1
_entity_poly.type   'polypeptide(L)'
_entity_poly.pdbx_seq_one_letter_code
;(ACE)IWG(SET)SGKLIETTA
;
_entity_poly.pdbx_strand_id   A
#
loop_
_chem_comp.id
_chem_comp.type
_chem_comp.name
_chem_comp.formula
ACE non-polymer 'ACETYL GROUP' 'C2 H4 O'
#
# COMPACT_ATOMS: atom_id res chain seq x y z
C ACE A 1 -3.27 1.92 -0.36
O ACE A 1 -2.26 1.92 -1.06
CH3 ACE A 1 -4.64 1.64 -0.99
H1 ACE A 1 -5.11 0.74 -0.55
H2 ACE A 1 -5.33 2.49 -0.85
H3 ACE A 1 -4.55 1.46 -2.07
N ILE A 2 -3.28 2.15 0.95
CA ILE A 2 -2.04 2.43 1.74
C ILE A 2 -2.14 1.50 2.99
N TRP A 3 -1.50 0.32 2.93
CA TRP A 3 -1.48 -0.66 4.05
C TRP A 3 0.00 -1.07 4.31
N GLY A 4 0.71 -0.21 5.05
CA GLY A 4 2.14 -0.42 5.43
C GLY A 4 3.17 -0.83 4.35
N SET A 5 3.28 -0.06 3.24
CA SET A 5 4.24 -0.37 2.15
CB SET A 5 4.60 0.90 1.34
OG SET A 5 3.74 1.50 0.69
NT SET A 5 2.52 -1.46 0.51
C SET A 5 3.80 -1.57 1.25
H SET A 5 2.61 0.71 3.19
HA SET A 5 5.16 -0.75 2.64
HB2 SET A 5 4.60 -1.79 0.53
HB3 SET A 5 3.77 -2.48 1.90
HNT2 SET A 5 2.12 -0.55 0.22
N SER A 6 5.89 1.30 1.39
CA SER A 6 6.42 2.50 0.67
C SER A 6 6.94 2.10 -0.74
N GLY A 7 6.84 3.03 -1.71
CA GLY A 7 7.27 2.78 -3.11
C GLY A 7 6.06 2.44 -4.01
N LYS A 8 5.46 1.26 -3.77
CA LYS A 8 4.26 0.78 -4.50
C LYS A 8 3.01 1.20 -3.66
N LEU A 9 2.47 2.39 -3.96
CA LEU A 9 1.28 2.95 -3.24
C LEU A 9 -0.08 2.42 -3.82
N ILE A 10 -0.29 1.10 -3.68
CA ILE A 10 -1.52 0.38 -4.13
C ILE A 10 -1.46 -0.96 -3.33
N GLU A 11 -1.92 -0.91 -2.06
CA GLU A 11 -1.90 -2.07 -1.13
C GLU A 11 -3.26 -2.05 -0.35
N THR A 12 -4.29 -2.84 -0.74
CA THR A 12 -5.62 -2.87 -0.01
C THR A 12 -5.58 -3.64 1.35
N THR A 13 -4.86 -4.78 1.44
CA THR A 13 -4.74 -5.59 2.68
C THR A 13 -3.22 -5.78 2.99
N ALA A 14 -2.46 -6.51 2.14
CA ALA A 14 -1.01 -6.72 2.34
C ALA A 14 -0.20 -5.68 1.55
C ACE A 1 -5.85 4.01 6.29
O ACE A 1 -5.01 4.87 6.53
CH3 ACE A 1 -7.28 4.41 5.92
H1 ACE A 1 -7.55 4.05 4.91
H2 ACE A 1 -8.02 4.00 6.64
H3 ACE A 1 -7.39 5.51 5.92
N ILE A 2 -5.63 2.69 6.34
CA ILE A 2 -4.29 2.11 6.68
C ILE A 2 -3.80 1.41 5.37
N TRP A 3 -3.13 2.17 4.49
CA TRP A 3 -2.55 1.63 3.22
C TRP A 3 -1.30 2.43 2.74
N GLY A 4 -0.24 2.35 3.56
CA GLY A 4 1.05 3.02 3.29
C GLY A 4 2.15 1.98 2.97
N SET A 5 2.17 1.49 1.73
CA SET A 5 3.15 0.48 1.25
CB SET A 5 4.40 1.21 0.67
OG SET A 5 4.28 2.17 -0.10
NT SET A 5 1.33 -1.33 0.50
C SET A 5 2.52 -0.49 0.17
H SET A 5 1.37 1.78 1.14
HA SET A 5 3.50 -0.10 2.14
HB2 SET A 5 2.29 0.07 -0.75
HB3 SET A 5 3.31 -1.19 -0.16
HNT2 SET A 5 1.37 -2.36 0.66
N SER A 6 5.61 0.73 1.05
CA SER A 6 6.90 1.35 0.64
C SER A 6 7.16 1.38 -0.90
N GLY A 7 7.34 2.60 -1.45
CA GLY A 7 7.59 2.80 -2.90
C GLY A 7 6.30 3.01 -3.71
N LYS A 8 5.63 1.89 -4.03
CA LYS A 8 4.36 1.86 -4.79
C LYS A 8 3.22 1.55 -3.80
N LEU A 9 2.45 2.60 -3.44
CA LEU A 9 1.29 2.48 -2.52
C LEU A 9 0.11 1.83 -3.28
N ILE A 10 -0.15 0.53 -3.00
CA ILE A 10 -1.24 -0.25 -3.64
C ILE A 10 -1.65 -1.45 -2.72
N GLU A 11 -2.35 -1.17 -1.61
CA GLU A 11 -2.82 -2.20 -0.65
C GLU A 11 -4.10 -1.71 0.11
N THR A 12 -5.19 -1.31 -0.61
CA THR A 12 -6.44 -0.78 0.02
C THR A 12 -7.36 -1.95 0.55
N THR A 13 -6.98 -2.63 1.65
CA THR A 13 -7.77 -3.75 2.24
C THR A 13 -7.77 -3.54 3.79
N ALA A 14 -6.66 -3.87 4.50
CA ALA A 14 -6.58 -3.72 5.97
C ALA A 14 -5.89 -2.38 6.34
C ACE A 1 -6.02 0.01 6.25
O ACE A 1 -5.94 1.14 6.75
CH3 ACE A 1 -7.37 -0.68 6.12
H1 ACE A 1 -7.40 -1.65 6.63
H2 ACE A 1 -8.19 -0.06 6.54
H3 ACE A 1 -7.62 -0.85 5.05
N ILE A 2 -4.97 -0.69 5.82
CA ILE A 2 -3.57 -0.19 5.88
C ILE A 2 -3.20 0.15 4.40
N TRP A 3 -3.07 1.44 4.09
CA TRP A 3 -2.76 1.94 2.72
C TRP A 3 -1.34 2.55 2.47
N GLY A 4 -0.40 2.44 3.42
CA GLY A 4 0.98 2.99 3.29
C GLY A 4 2.04 1.91 3.02
N SET A 5 2.19 1.53 1.74
CA SET A 5 3.18 0.49 1.30
CB SET A 5 4.43 1.23 0.72
OG SET A 5 4.30 2.17 -0.08
NT SET A 5 1.35 -1.29 0.58
C SET A 5 2.57 -0.50 0.24
H SET A 5 1.48 1.91 1.10
HA SET A 5 3.54 -0.04 2.21
HB2 SET A 5 2.38 0.04 -0.71
HB3 SET A 5 3.35 -1.23 -0.04
HNT2 SET A 5 1.36 -2.29 0.83
N SER A 6 5.64 0.76 1.09
CA SER A 6 6.93 1.37 0.64
C SER A 6 7.16 1.35 -0.90
N GLY A 7 7.37 2.55 -1.49
CA GLY A 7 7.61 2.69 -2.94
C GLY A 7 6.32 2.96 -3.74
N LYS A 8 5.57 1.88 -4.02
CA LYS A 8 4.29 1.94 -4.77
C LYS A 8 3.16 1.59 -3.77
N LEU A 9 2.39 2.63 -3.41
CA LEU A 9 1.24 2.51 -2.47
C LEU A 9 0.02 1.87 -3.20
N ILE A 10 -0.11 0.53 -3.09
CA ILE A 10 -1.20 -0.25 -3.73
C ILE A 10 -1.51 -1.51 -2.85
N GLU A 11 -2.31 -1.32 -1.78
CA GLU A 11 -2.69 -2.42 -0.86
C GLU A 11 -4.10 -2.10 -0.24
N THR A 12 -5.22 -2.21 -1.02
CA THR A 12 -6.59 -1.90 -0.51
C THR A 12 -7.18 -3.14 0.26
N THR A 13 -6.74 -3.40 1.50
CA THR A 13 -7.24 -4.55 2.32
C THR A 13 -8.70 -4.32 2.83
N ALA A 14 -8.93 -3.31 3.71
CA ALA A 14 -10.27 -3.00 4.25
C ALA A 14 -10.55 -1.49 4.09
C ACE A 1 -7.51 0.44 2.86
O ACE A 1 -7.94 1.46 2.30
CH3 ACE A 1 -8.32 -0.85 2.83
H1 ACE A 1 -7.73 -1.70 2.43
H2 ACE A 1 -8.67 -1.14 3.84
H3 ACE A 1 -9.23 -0.75 2.19
N ILE A 2 -6.35 0.37 3.52
CA ILE A 2 -5.42 1.54 3.66
C ILE A 2 -4.18 1.20 2.78
N TRP A 3 -3.77 2.19 1.96
CA TRP A 3 -2.65 2.05 1.00
C TRP A 3 -1.29 2.57 1.58
N GLY A 4 -0.80 1.90 2.63
CA GLY A 4 0.48 2.24 3.29
C GLY A 4 1.56 1.18 2.96
N SET A 5 2.20 1.33 1.80
CA SET A 5 3.26 0.39 1.32
CB SET A 5 4.45 1.22 0.76
OG SET A 5 4.26 2.17 0.00
NT SET A 5 1.54 -1.49 0.50
C SET A 5 2.72 -0.61 0.21
H SET A 5 1.84 2.08 1.21
HA SET A 5 3.66 -0.15 2.22
HB2 SET A 5 2.51 -0.04 -0.72
HB3 SET A 5 3.54 -1.28 -0.09
HNT2 SET A 5 1.61 -2.47 0.77
N SER A 6 5.69 0.82 1.11
CA SER A 6 6.92 1.54 0.69
C SER A 6 7.19 1.50 -0.85
N GLY A 7 7.27 2.68 -1.48
CA GLY A 7 7.52 2.80 -2.94
C GLY A 7 6.23 2.91 -3.77
N LYS A 8 5.60 1.76 -4.02
CA LYS A 8 4.34 1.66 -4.79
C LYS A 8 3.19 1.42 -3.78
N LEU A 9 2.46 2.51 -3.48
CA LEU A 9 1.33 2.52 -2.52
C LEU A 9 0.03 1.95 -3.18
N ILE A 10 -0.16 0.61 -3.11
CA ILE A 10 -1.35 -0.08 -3.68
C ILE A 10 -1.55 -1.45 -2.96
N GLU A 11 -2.20 -1.43 -1.79
CA GLU A 11 -2.50 -2.65 -0.98
C GLU A 11 -3.93 -2.43 -0.36
N THR A 12 -5.04 -2.85 -1.00
CA THR A 12 -6.42 -2.66 -0.43
C THR A 12 -6.78 -3.82 0.57
N THR A 13 -6.07 -3.94 1.72
CA THR A 13 -6.33 -5.00 2.73
C THR A 13 -6.12 -4.37 4.14
N ALA A 14 -4.85 -4.17 4.58
CA ALA A 14 -4.55 -3.59 5.91
C ALA A 14 -4.51 -2.05 5.82
C ACE A 1 -7.01 -0.78 3.72
O ACE A 1 -7.21 -0.22 4.81
CH3 ACE A 1 -8.16 -1.49 3.01
H1 ACE A 1 -9.08 -1.49 3.62
H2 ACE A 1 -8.40 -1.00 2.05
H3 ACE A 1 -7.91 -2.55 2.79
N ILE A 2 -5.83 -0.84 3.11
CA ILE A 2 -4.58 -0.20 3.65
C ILE A 2 -4.04 0.77 2.55
N TRP A 3 -3.63 1.97 2.99
CA TRP A 3 -3.09 3.03 2.07
C TRP A 3 -1.70 3.52 2.59
N GLY A 4 -0.73 2.60 2.61
CA GLY A 4 0.64 2.89 3.08
C GLY A 4 1.56 1.68 2.85
N SET A 5 2.20 1.63 1.68
CA SET A 5 3.14 0.53 1.29
CB SET A 5 4.40 1.22 0.68
OG SET A 5 4.29 2.12 -0.16
NT SET A 5 1.32 -1.32 0.64
C SET A 5 2.51 -0.49 0.27
H SET A 5 1.98 2.39 1.04
HA SET A 5 3.49 0.03 2.23
HB2 SET A 5 2.28 0.04 -0.69
HB3 SET A 5 3.30 -1.20 -0.03
HNT2 SET A 5 1.37 -2.33 0.86
N SER A 6 5.60 0.76 1.08
CA SER A 6 6.91 1.32 0.63
C SER A 6 7.15 1.31 -0.91
N GLY A 7 7.40 2.49 -1.50
CA GLY A 7 7.65 2.62 -2.96
C GLY A 7 6.35 2.96 -3.75
N LYS A 8 5.55 1.92 -4.01
CA LYS A 8 4.28 2.02 -4.73
C LYS A 8 3.15 1.66 -3.73
N LEU A 9 2.35 2.67 -3.37
CA LEU A 9 1.20 2.53 -2.43
C LEU A 9 0.02 1.85 -3.17
N ILE A 10 -0.09 0.51 -3.05
CA ILE A 10 -1.15 -0.29 -3.72
C ILE A 10 -1.43 -1.58 -2.87
N GLU A 11 -2.24 -1.44 -1.80
CA GLU A 11 -2.61 -2.58 -0.91
C GLU A 11 -4.05 -2.38 -0.30
N THR A 12 -5.07 -2.12 -1.15
CA THR A 12 -6.48 -1.90 -0.67
C THR A 12 -7.25 -3.26 -0.58
N THR A 13 -6.95 -4.12 0.43
CA THR A 13 -7.63 -5.44 0.60
C THR A 13 -8.05 -5.57 2.09
N ALA A 14 -7.14 -6.02 2.99
CA ALA A 14 -7.44 -6.19 4.43
C ALA A 14 -6.75 -5.08 5.25
C ACE A 1 -7.03 5.15 0.60
O ACE A 1 -6.30 6.13 0.72
CH3 ACE A 1 -8.08 5.10 -0.49
H1 ACE A 1 -9.10 5.09 -0.07
H2 ACE A 1 -8.01 5.99 -1.15
H3 ACE A 1 -7.97 4.20 -1.14
N ILE A 2 -6.98 4.05 1.39
CA ILE A 2 -6.00 3.91 2.51
C ILE A 2 -4.98 2.83 2.06
N TRP A 3 -3.72 3.24 1.85
CA TRP A 3 -2.64 2.33 1.38
C TRP A 3 -1.29 2.80 1.99
N GLY A 4 -0.71 1.96 2.86
CA GLY A 4 0.59 2.21 3.50
C GLY A 4 1.61 1.14 3.08
N SET A 5 2.26 1.34 1.92
CA SET A 5 3.25 0.38 1.36
CB SET A 5 4.45 1.21 0.81
OG SET A 5 4.27 2.21 0.09
NT SET A 5 1.46 -1.38 0.48
C SET A 5 2.66 -0.53 0.21
H SET A 5 1.96 2.18 1.40
HA SET A 5 3.67 -0.20 2.20
HB2 SET A 5 2.46 0.09 -0.68
HB3 SET A 5 3.46 -1.21 -0.14
HNT2 SET A 5 1.50 -2.40 0.69
N SER A 6 5.69 0.78 1.11
CA SER A 6 6.93 1.48 0.67
C SER A 6 7.18 1.47 -0.87
N GLY A 7 7.29 2.68 -1.47
CA GLY A 7 7.53 2.82 -2.93
C GLY A 7 6.24 2.95 -3.75
N LYS A 8 5.60 1.80 -4.03
CA LYS A 8 4.35 1.72 -4.80
C LYS A 8 3.19 1.45 -3.80
N LEU A 9 2.45 2.54 -3.51
CA LEU A 9 1.29 2.52 -2.57
C LEU A 9 0.03 1.92 -3.25
N ILE A 10 -0.15 0.59 -3.14
CA ILE A 10 -1.31 -0.14 -3.72
C ILE A 10 -1.63 -1.41 -2.86
N GLU A 11 -2.29 -1.19 -1.72
CA GLU A 11 -2.72 -2.24 -0.78
C GLU A 11 -4.02 -1.68 -0.11
N THR A 12 -5.26 -1.99 -0.58
CA THR A 12 -6.51 -1.42 0.06
C THR A 12 -6.94 -2.23 1.33
N THR A 13 -6.07 -2.29 2.36
CA THR A 13 -6.32 -3.00 3.65
C THR A 13 -5.53 -2.16 4.71
N ALA A 14 -4.18 -2.27 4.75
CA ALA A 14 -3.32 -1.52 5.69
C ALA A 14 -2.46 -0.53 4.86
C ACE A 1 -8.60 2.21 3.34
O ACE A 1 -8.79 3.31 2.85
CH3 ACE A 1 -9.68 1.13 3.28
H1 ACE A 1 -10.60 1.50 2.77
H2 ACE A 1 -9.34 0.24 2.71
H3 ACE A 1 -9.99 0.79 4.29
N ILE A 2 -7.47 1.84 3.97
CA ILE A 2 -6.29 2.74 4.13
C ILE A 2 -5.09 2.04 3.42
N TRP A 3 -4.22 2.84 2.74
CA TRP A 3 -3.04 2.32 2.02
C TRP A 3 -1.75 3.02 2.56
N GLY A 4 -0.72 2.19 2.75
CA GLY A 4 0.61 2.60 3.24
C GLY A 4 1.61 1.48 2.95
N SET A 5 2.20 1.50 1.73
CA SET A 5 3.16 0.47 1.26
CB SET A 5 4.41 1.20 0.70
OG SET A 5 4.30 2.17 -0.07
NT SET A 5 1.29 -1.27 0.48
C SET A 5 2.53 -0.49 0.17
H SET A 5 1.89 2.26 1.12
HA SET A 5 3.52 -0.10 2.16
HB2 SET A 5 2.37 0.07 -0.77
HB3 SET A 5 3.30 -1.24 -0.12
HNT2 SET A 5 1.27 -2.27 0.74
N SER A 6 5.62 0.72 1.06
CA SER A 6 6.91 1.34 0.64
C SER A 6 7.16 1.38 -0.90
N GLY A 7 7.36 2.59 -1.46
CA GLY A 7 7.60 2.78 -2.91
C GLY A 7 6.31 3.00 -3.71
N LYS A 8 5.62 1.89 -4.01
CA LYS A 8 4.36 1.89 -4.77
C LYS A 8 3.21 1.57 -3.78
N LEU A 9 2.42 2.62 -3.46
CA LEU A 9 1.25 2.49 -2.53
C LEU A 9 0.08 1.81 -3.30
N ILE A 10 -0.13 0.51 -3.05
CA ILE A 10 -1.20 -0.30 -3.69
C ILE A 10 -1.69 -1.40 -2.70
N GLU A 11 -2.41 -0.98 -1.63
CA GLU A 11 -2.96 -1.90 -0.60
C GLU A 11 -4.18 -1.21 0.12
N THR A 12 -5.28 -0.88 -0.59
CA THR A 12 -6.47 -0.20 0.04
C THR A 12 -7.42 -1.25 0.72
N THR A 13 -7.03 -1.82 1.88
CA THR A 13 -7.85 -2.82 2.62
C THR A 13 -7.82 -2.45 4.13
N ALA A 14 -6.68 -2.65 4.83
CA ALA A 14 -6.55 -2.33 6.28
C ALA A 14 -6.20 -0.84 6.48
C ACE A 1 -6.78 4.06 4.76
O ACE A 1 -6.20 5.06 4.37
CH3 ACE A 1 -8.10 3.62 4.13
H1 ACE A 1 -8.94 3.69 4.85
H2 ACE A 1 -8.36 4.26 3.27
H3 ACE A 1 -8.06 2.58 3.75
N ILE A 2 -6.33 3.27 5.75
CA ILE A 2 -5.05 3.53 6.48
C ILE A 2 -4.11 2.36 6.08
N TRP A 3 -3.16 2.65 5.16
CA TRP A 3 -2.18 1.66 4.65
C TRP A 3 -1.02 2.44 3.97
N GLY A 4 0.20 2.12 4.41
CA GLY A 4 1.44 2.75 3.91
C GLY A 4 2.49 1.75 3.40
N SET A 5 2.38 1.34 2.12
CA SET A 5 3.35 0.40 1.47
CB SET A 5 4.55 1.22 0.90
OG SET A 5 4.35 2.26 0.24
NT SET A 5 1.48 -1.26 0.55
C SET A 5 2.70 -0.42 0.30
H SET A 5 1.54 1.68 1.64
HA SET A 5 3.76 -0.25 2.27
HB2 SET A 5 2.48 0.25 -0.56
HB3 SET A 5 3.46 -1.11 -0.12
HNT2 SET A 5 1.50 -2.28 0.72
N SER A 6 5.78 0.75 1.15
CA SER A 6 7.02 1.43 0.70
C SER A 6 7.25 1.43 -0.84
N GLY A 7 7.29 2.62 -1.45
CA GLY A 7 7.51 2.77 -2.91
C GLY A 7 6.22 2.93 -3.73
N LYS A 8 5.54 1.80 -4.00
CA LYS A 8 4.29 1.75 -4.78
C LYS A 8 3.11 1.53 -3.79
N LEU A 9 2.34 2.60 -3.58
CA LEU A 9 1.15 2.61 -2.68
C LEU A 9 -0.08 1.95 -3.37
N ILE A 10 -0.20 0.61 -3.24
CA ILE A 10 -1.31 -0.17 -3.84
C ILE A 10 -1.54 -1.46 -2.99
N GLU A 11 -2.25 -1.32 -1.85
CA GLU A 11 -2.57 -2.45 -0.94
C GLU A 11 -3.96 -2.19 -0.28
N THR A 12 -5.10 -2.28 -1.04
CA THR A 12 -6.47 -2.03 -0.48
C THR A 12 -7.03 -3.30 0.26
N THR A 13 -6.46 -3.65 1.44
CA THR A 13 -6.91 -4.83 2.25
C THR A 13 -6.96 -4.37 3.73
N ALA A 14 -5.80 -4.23 4.42
CA ALA A 14 -5.74 -3.80 5.84
C ALA A 14 -5.50 -2.27 5.91
C ACE A 1 -7.46 3.86 4.10
O ACE A 1 -7.29 4.39 3.00
CH3 ACE A 1 -8.79 3.19 4.44
H1 ACE A 1 -9.47 3.19 3.57
H2 ACE A 1 -8.65 2.13 4.75
H3 ACE A 1 -9.31 3.71 5.27
N ILE A 2 -6.54 3.82 5.07
CA ILE A 2 -5.17 4.42 4.94
C ILE A 2 -4.18 3.22 4.97
N TRP A 3 -3.39 3.07 3.89
CA TRP A 3 -2.40 1.96 3.76
C TRP A 3 -1.19 2.55 2.99
N GLY A 4 -0.07 2.72 3.70
CA GLY A 4 1.18 3.29 3.13
C GLY A 4 2.27 2.23 2.85
N SET A 5 2.16 1.55 1.71
CA SET A 5 3.15 0.51 1.28
CB SET A 5 4.40 1.21 0.67
OG SET A 5 4.28 2.12 -0.16
NT SET A 5 1.40 -1.40 0.59
C SET A 5 2.54 -0.49 0.23
H SET A 5 1.27 1.70 1.20
HA SET A 5 3.48 -0.01 2.20
HB2 SET A 5 2.27 0.05 -0.69
HB3 SET A 5 3.35 -1.16 -0.10
HNT2 SET A 5 1.51 -2.42 0.72
N SER A 6 5.61 0.76 1.07
CA SER A 6 6.90 1.35 0.63
C SER A 6 7.15 1.35 -0.91
N GLY A 7 7.35 2.55 -1.50
CA GLY A 7 7.59 2.70 -2.94
C GLY A 7 6.30 2.96 -3.73
N LYS A 8 5.57 1.87 -4.03
CA LYS A 8 4.30 1.91 -4.77
C LYS A 8 3.17 1.59 -3.75
N LEU A 9 2.40 2.63 -3.41
CA LEU A 9 1.26 2.54 -2.45
C LEU A 9 0.03 1.88 -3.14
N ILE A 10 -0.07 0.54 -3.05
CA ILE A 10 -1.17 -0.24 -3.68
C ILE A 10 -1.43 -1.55 -2.86
N GLU A 11 -2.20 -1.43 -1.76
CA GLU A 11 -2.56 -2.59 -0.89
C GLU A 11 -3.98 -2.31 -0.27
N THR A 12 -5.10 -2.46 -1.03
CA THR A 12 -6.48 -2.20 -0.51
C THR A 12 -7.00 -3.39 0.37
N THR A 13 -6.47 -3.54 1.61
CA THR A 13 -6.90 -4.62 2.55
C THR A 13 -8.19 -4.21 3.30
N ALA A 14 -8.13 -3.22 4.21
CA ALA A 14 -9.30 -2.73 4.98
C ALA A 14 -9.98 -1.57 4.24
C ACE A 1 -7.59 5.34 2.78
O ACE A 1 -7.02 6.26 3.36
CH3 ACE A 1 -8.65 5.61 1.72
H1 ACE A 1 -9.62 5.17 1.99
H2 ACE A 1 -8.80 6.70 1.59
H3 ACE A 1 -8.35 5.22 0.73
N ILE A 2 -7.35 4.04 3.01
CA ILE A 2 -6.35 3.54 4.01
C ILE A 2 -5.31 2.72 3.18
N TRP A 3 -4.10 3.27 2.96
CA TRP A 3 -3.03 2.59 2.21
C TRP A 3 -1.65 3.19 2.63
N GLY A 4 -0.70 2.30 2.91
CA GLY A 4 0.68 2.66 3.32
C GLY A 4 1.62 1.50 2.98
N SET A 5 2.24 1.55 1.79
CA SET A 5 3.17 0.49 1.29
CB SET A 5 4.43 1.21 0.71
OG SET A 5 4.32 2.18 -0.04
NT SET A 5 1.21 -1.15 0.53
C SET A 5 2.49 -0.44 0.22
H SET A 5 1.99 2.36 1.22
HA SET A 5 3.53 -0.08 2.18
HB2 SET A 5 2.33 0.12 -0.73
HB3 SET A 5 3.22 -1.22 -0.07
HNT2 SET A 5 1.15 -2.14 0.83
N SER A 6 5.63 0.68 1.05
CA SER A 6 6.93 1.26 0.63
C SER A 6 7.17 1.35 -0.92
N GLY A 7 7.33 2.58 -1.44
CA GLY A 7 7.56 2.82 -2.89
C GLY A 7 6.26 3.02 -3.68
N LYS A 8 5.61 1.91 -4.03
CA LYS A 8 4.35 1.88 -4.78
C LYS A 8 3.20 1.58 -3.78
N LEU A 9 2.40 2.62 -3.48
CA LEU A 9 1.24 2.51 -2.55
C LEU A 9 0.07 1.82 -3.30
N ILE A 10 -0.09 0.50 -3.08
CA ILE A 10 -1.17 -0.31 -3.72
C ILE A 10 -1.67 -1.38 -2.70
N GLU A 11 -2.42 -0.91 -1.68
CA GLU A 11 -3.00 -1.77 -0.62
C GLU A 11 -4.25 -1.03 -0.02
N THR A 12 -5.36 -0.85 -0.78
CA THR A 12 -6.58 -0.13 -0.29
C THR A 12 -7.45 -1.08 0.60
N THR A 13 -7.09 -1.24 1.90
CA THR A 13 -7.85 -2.11 2.85
C THR A 13 -9.29 -1.57 3.14
N ALA A 14 -9.43 -0.34 3.68
CA ALA A 14 -10.75 0.27 3.98
C ALA A 14 -10.99 1.48 3.04
C ACE A 1 -5.75 7.18 1.97
O ACE A 1 -4.89 7.79 2.60
CH3 ACE A 1 -6.32 7.77 0.68
H1 ACE A 1 -7.41 7.91 0.76
H2 ACE A 1 -5.87 8.76 0.47
H3 ACE A 1 -6.12 7.12 -0.19
N ILE A 2 -6.25 5.99 2.32
CA ILE A 2 -5.80 5.25 3.54
C ILE A 2 -5.05 3.99 3.01
N TRP A 3 -3.71 4.09 2.89
CA TRP A 3 -2.84 3.00 2.40
C TRP A 3 -1.36 3.40 2.68
N GLY A 4 -0.59 2.43 3.19
CA GLY A 4 0.83 2.63 3.55
C GLY A 4 1.71 1.43 3.12
N SET A 5 2.33 1.55 1.93
CA SET A 5 3.22 0.49 1.38
CB SET A 5 4.47 1.22 0.78
OG SET A 5 4.35 2.21 0.06
NT SET A 5 1.31 -1.19 0.62
C SET A 5 2.54 -0.41 0.28
H SET A 5 2.10 2.39 1.41
HA SET A 5 3.61 -0.11 2.24
HB2 SET A 5 2.32 0.20 -0.62
HB3 SET A 5 3.29 -1.14 -0.09
HNT2 SET A 5 1.31 -2.22 0.80
N SER A 6 5.67 0.70 1.08
CA SER A 6 6.97 1.29 0.64
C SER A 6 7.17 1.36 -0.91
N GLY A 7 7.32 2.58 -1.45
CA GLY A 7 7.52 2.81 -2.90
C GLY A 7 6.22 2.99 -3.70
N LYS A 8 5.58 1.86 -4.02
CA LYS A 8 4.31 1.83 -4.78
C LYS A 8 3.17 1.54 -3.77
N LEU A 9 2.38 2.59 -3.48
CA LEU A 9 1.23 2.53 -2.54
C LEU A 9 0.01 1.89 -3.25
N ILE A 10 -0.11 0.55 -3.16
CA ILE A 10 -1.21 -0.23 -3.81
C ILE A 10 -1.61 -1.46 -2.91
N GLU A 11 -2.26 -1.18 -1.76
CA GLU A 11 -2.70 -2.26 -0.81
C GLU A 11 -4.10 -2.00 -0.14
N THR A 12 -5.06 -1.39 -0.87
CA THR A 12 -6.44 -1.09 -0.35
C THR A 12 -7.32 -0.95 -1.65
N THR A 13 -7.68 -2.08 -2.33
CA THR A 13 -8.51 -2.02 -3.57
C THR A 13 -9.54 -3.20 -3.52
N ALA A 14 -9.12 -4.46 -3.73
CA ALA A 14 -10.03 -5.63 -3.70
C ALA A 14 -10.14 -6.19 -2.25
C ACE A 1 -5.58 1.35 4.00
O ACE A 1 -5.29 1.34 2.80
CH3 ACE A 1 -7.03 1.23 4.45
H1 ACE A 1 -7.34 2.13 5.02
H2 ACE A 1 -7.70 1.14 3.59
H3 ACE A 1 -7.19 0.34 5.09
N ILE A 2 -4.67 1.45 4.98
CA ILE A 2 -3.21 1.57 4.73
C ILE A 2 -2.54 0.38 5.50
N TRP A 3 -2.14 -0.66 4.76
CA TRP A 3 -1.50 -1.87 5.34
C TRP A 3 -0.01 -1.73 5.82
N GLY A 4 0.77 -0.92 5.09
CA GLY A 4 2.21 -0.68 5.32
C GLY A 4 2.92 -1.01 4.00
N SET A 5 2.93 -0.05 3.05
CA SET A 5 3.53 -0.22 1.71
CB SET A 5 4.25 1.10 1.29
OG SET A 5 3.63 2.16 1.21
NT SET A 5 1.26 0.13 0.48
C SET A 5 2.47 -0.71 0.66
H SET A 5 2.48 0.83 3.34
HA SET A 5 4.28 -1.03 1.76
HB2 SET A 5 2.96 -0.80 -0.32
HB3 SET A 5 2.18 -1.75 0.91
HNT2 SET A 5 1.33 0.95 -0.13
N SER A 6 5.57 1.02 1.04
CA SER A 6 6.41 2.19 0.63
C SER A 6 6.93 1.99 -0.81
N GLY A 7 6.90 3.07 -1.63
CA GLY A 7 7.33 3.02 -3.04
C GLY A 7 6.14 2.76 -3.98
N LYS A 8 5.71 1.48 -4.04
CA LYS A 8 4.56 1.04 -4.85
C LYS A 8 3.31 1.18 -3.92
N LEU A 9 2.67 2.37 -3.99
CA LEU A 9 1.49 2.71 -3.16
C LEU A 9 0.18 2.11 -3.74
N ILE A 10 -0.14 0.88 -3.29
CA ILE A 10 -1.35 0.13 -3.69
C ILE A 10 -1.77 -0.68 -2.43
N GLU A 11 -2.46 -0.01 -1.48
CA GLU A 11 -2.89 -0.64 -0.19
C GLU A 11 -4.41 -1.05 -0.16
N THR A 12 -4.95 -1.61 -1.26
CA THR A 12 -6.38 -2.04 -1.38
C THR A 12 -6.43 -3.27 -2.32
N THR A 13 -6.27 -3.10 -3.65
CA THR A 13 -6.28 -4.23 -4.63
C THR A 13 -4.85 -4.31 -5.24
N ALA A 14 -3.97 -5.09 -4.58
CA ALA A 14 -2.56 -5.27 -5.02
C ALA A 14 -2.42 -6.52 -5.93
C ACE A 1 -5.19 1.37 4.78
O ACE A 1 -5.01 1.11 3.58
CH3 ACE A 1 -6.59 1.38 5.36
H1 ACE A 1 -7.34 1.06 4.61
H2 ACE A 1 -6.68 0.69 6.22
H3 ACE A 1 -6.88 2.39 5.69
N ILE A 2 -4.21 1.66 5.64
CA ILE A 2 -2.76 1.70 5.27
C ILE A 2 -2.07 0.59 6.10
N TRP A 3 -1.43 -0.37 5.40
CA TRP A 3 -0.76 -1.54 6.06
C TRP A 3 0.76 -1.70 5.70
N GLY A 4 1.50 -0.58 5.58
CA GLY A 4 2.95 -0.59 5.24
C GLY A 4 3.26 -0.96 3.78
N SET A 5 3.08 -0.01 2.85
CA SET A 5 3.34 -0.22 1.40
CB SET A 5 4.03 1.04 0.79
OG SET A 5 3.42 1.86 0.09
NT SET A 5 0.93 0.22 0.64
C SET A 5 2.07 -0.73 0.67
H SET A 5 2.70 0.88 3.22
HA SET A 5 4.07 -1.05 1.28
HB2 SET A 5 2.34 -0.96 -0.39
HB3 SET A 5 1.77 -1.71 1.08
HNT2 SET A 5 1.02 1.02 0.01
N SER A 6 5.33 1.16 1.08
CA SER A 6 6.20 2.28 0.62
C SER A 6 6.81 1.99 -0.79
N GLY A 7 6.94 3.05 -1.61
CA GLY A 7 7.47 2.93 -3.00
C GLY A 7 6.29 2.73 -3.98
N LYS A 8 5.78 1.49 -4.04
CA LYS A 8 4.62 1.11 -4.87
C LYS A 8 3.38 1.19 -3.93
N LEU A 9 2.75 2.38 -3.88
CA LEU A 9 1.57 2.64 -3.02
C LEU A 9 0.27 2.03 -3.62
N ILE A 10 -0.09 0.84 -3.11
CA ILE A 10 -1.31 0.10 -3.53
C ILE A 10 -1.83 -0.64 -2.25
N GLU A 11 -2.50 0.11 -1.35
CA GLU A 11 -3.02 -0.45 -0.07
C GLU A 11 -4.54 -0.80 -0.26
N THR A 12 -4.88 -1.84 -1.06
CA THR A 12 -6.31 -2.25 -1.30
C THR A 12 -6.85 -3.14 -0.15
N THR A 13 -6.35 -4.39 0.00
CA THR A 13 -6.80 -5.32 1.06
C THR A 13 -5.55 -6.15 1.50
N ALA A 14 -5.07 -5.93 2.75
CA ALA A 14 -3.90 -6.65 3.30
C ALA A 14 -4.10 -6.84 4.82
C ACE A 1 -6.01 0.59 3.77
O ACE A 1 -5.55 0.95 2.67
CH3 ACE A 1 -7.51 0.44 3.95
H1 ACE A 1 -8.05 0.57 2.99
H2 ACE A 1 -7.79 -0.56 4.34
H3 ACE A 1 -7.91 1.20 4.65
N ILE A 2 -5.27 0.31 4.84
CA ILE A 2 -3.78 0.39 4.85
C ILE A 2 -3.24 -1.05 5.09
N TRP A 3 -2.45 -1.56 4.12
CA TRP A 3 -1.88 -2.95 4.18
C TRP A 3 -0.33 -3.04 4.04
N GLY A 4 0.43 -2.02 4.48
CA GLY A 4 1.91 -2.01 4.38
C GLY A 4 2.41 -1.74 2.94
N SET A 5 2.60 -0.45 2.59
CA SET A 5 3.04 -0.05 1.23
CB SET A 5 3.98 1.19 1.28
OG SET A 5 3.64 2.22 1.86
NT SET A 5 0.80 1.15 0.66
C SET A 5 1.83 0.15 0.27
H SET A 5 2.38 0.23 3.32
HA SET A 5 3.62 -0.90 0.80
HB2 SET A 5 2.23 0.43 -0.73
HB3 SET A 5 1.37 -0.84 0.07
HNT2 SET A 5 0.96 2.15 0.53
N SER A 6 5.18 1.07 0.65
CA SER A 6 6.20 2.15 0.58
C SER A 6 6.88 2.03 -0.80
N GLY A 7 6.86 3.13 -1.60
CA GLY A 7 7.45 3.12 -2.97
C GLY A 7 6.33 2.88 -4.00
N LYS A 8 5.93 1.60 -4.17
CA LYS A 8 4.82 1.19 -5.06
C LYS A 8 3.60 1.17 -4.08
N LEU A 9 2.84 2.27 -4.11
CA LEU A 9 1.69 2.48 -3.20
C LEU A 9 0.39 1.74 -3.62
N ILE A 10 0.06 0.68 -2.85
CA ILE A 10 -1.18 -0.13 -3.02
C ILE A 10 -2.03 0.01 -1.71
N GLU A 11 -2.43 1.26 -1.38
CA GLU A 11 -3.20 1.59 -0.16
C GLU A 11 -4.58 2.23 -0.56
N THR A 12 -5.42 1.50 -1.33
CA THR A 12 -6.76 1.99 -1.78
C THR A 12 -7.76 0.80 -1.70
N THR A 13 -7.75 -0.14 -2.67
CA THR A 13 -8.66 -1.32 -2.68
C THR A 13 -7.81 -2.55 -3.08
N ALA A 14 -7.46 -3.39 -2.08
CA ALA A 14 -6.65 -4.61 -2.29
C ALA A 14 -6.92 -5.58 -1.12
C ACE A 1 -5.35 -2.23 3.56
O ACE A 1 -4.89 -1.82 2.50
CH3 ACE A 1 -6.63 -3.05 3.59
H1 ACE A 1 -7.44 -2.52 4.13
H2 ACE A 1 -7.00 -3.24 2.56
H3 ACE A 1 -6.47 -4.03 4.07
N ILE A 2 -4.80 -1.97 4.77
CA ILE A 2 -3.54 -1.18 4.93
C ILE A 2 -2.47 -2.21 5.40
N TRP A 3 -1.45 -2.44 4.55
CA TRP A 3 -0.37 -3.43 4.83
C TRP A 3 1.09 -2.85 4.91
N GLY A 4 1.27 -1.55 5.22
CA GLY A 4 2.61 -0.91 5.28
C GLY A 4 3.35 -0.85 3.92
N SET A 5 2.70 -0.25 2.91
CA SET A 5 3.23 -0.12 1.53
CB SET A 5 4.09 1.17 1.33
OG SET A 5 3.63 2.27 1.65
NT SET A 5 0.98 0.71 0.49
C SET A 5 2.07 -0.30 0.49
H SET A 5 1.76 0.08 3.14
HA SET A 5 3.88 -1.01 1.35
HB2 SET A 5 2.52 -0.30 -0.52
HB3 SET A 5 1.65 -1.31 0.59
HNT2 SET A 5 1.06 1.51 -0.14
N SER A 6 5.32 1.02 0.83
CA SER A 6 6.27 2.14 0.58
C SER A 6 6.88 1.98 -0.84
N GLY A 7 6.90 3.06 -1.64
CA GLY A 7 7.43 3.03 -3.02
C GLY A 7 6.28 2.83 -4.02
N LYS A 8 5.82 1.58 -4.17
CA LYS A 8 4.68 1.21 -5.05
C LYS A 8 3.45 1.23 -4.09
N LEU A 9 2.79 2.40 -4.03
CA LEU A 9 1.61 2.61 -3.14
C LEU A 9 0.32 1.91 -3.68
N ILE A 10 -0.03 0.79 -3.02
CA ILE A 10 -1.25 0.00 -3.35
C ILE A 10 -1.85 -0.49 -1.99
N GLU A 11 -2.50 0.44 -1.25
CA GLU A 11 -3.11 0.14 0.08
C GLU A 11 -4.67 -0.01 -0.07
N THR A 12 -5.16 -0.95 -0.91
CA THR A 12 -6.62 -1.16 -1.14
C THR A 12 -6.85 -2.68 -1.43
N THR A 13 -6.44 -3.19 -2.63
CA THR A 13 -6.60 -4.62 -2.99
C THR A 13 -5.21 -5.12 -3.52
N ALA A 14 -4.48 -5.85 -2.66
CA ALA A 14 -3.13 -6.39 -3.00
C ALA A 14 -2.85 -7.57 -2.05
C ACE A 1 -6.07 -0.42 3.18
O ACE A 1 -5.53 -0.01 2.15
CH3 ACE A 1 -7.55 -0.78 3.17
H1 ACE A 1 -8.13 -0.09 3.80
H2 ACE A 1 -7.97 -0.72 2.15
H3 ACE A 1 -7.72 -1.81 3.54
N ILE A 2 -5.43 -0.59 4.34
CA ILE A 2 -3.98 -0.29 4.54
C ILE A 2 -3.29 -1.65 4.80
N TRP A 3 -2.38 -2.06 3.90
CA TRP A 3 -1.66 -3.37 3.99
C TRP A 3 -0.10 -3.30 3.99
N GLY A 4 0.52 -2.17 4.40
CA GLY A 4 1.99 -2.01 4.42
C GLY A 4 2.54 -1.74 3.00
N SET A 5 2.63 -0.47 2.60
CA SET A 5 3.09 -0.06 1.24
CB SET A 5 4.01 1.20 1.30
OG SET A 5 3.66 2.21 1.90
NT SET A 5 0.82 1.05 0.67
C SET A 5 1.89 0.10 0.27
H SET A 5 2.30 0.22 3.30
HA SET A 5 3.68 -0.91 0.83
HB2 SET A 5 2.29 0.42 -0.72
HB3 SET A 5 1.47 -0.90 0.05
HNT2 SET A 5 0.93 2.06 0.58
N SER A 6 5.18 1.10 0.64
CA SER A 6 6.19 2.20 0.58
C SER A 6 6.88 2.08 -0.82
N GLY A 7 6.83 3.14 -1.64
CA GLY A 7 7.41 3.13 -3.01
C GLY A 7 6.29 2.84 -4.02
N LYS A 8 5.90 1.54 -4.13
CA LYS A 8 4.78 1.10 -5.00
C LYS A 8 3.56 1.13 -4.03
N LEU A 9 2.86 2.28 -4.03
CA LEU A 9 1.71 2.53 -3.14
C LEU A 9 0.40 1.82 -3.60
N ILE A 10 0.07 0.72 -2.90
CA ILE A 10 -1.17 -0.08 -3.13
C ILE A 10 -1.99 -0.09 -1.80
N GLU A 11 -2.43 1.11 -1.36
CA GLU A 11 -3.19 1.32 -0.10
C GLU A 11 -4.66 1.80 -0.41
N THR A 12 -5.42 1.05 -1.23
CA THR A 12 -6.82 1.39 -1.62
C THR A 12 -7.55 0.04 -1.91
N THR A 13 -7.30 -0.61 -3.06
CA THR A 13 -7.93 -1.90 -3.45
C THR A 13 -6.81 -2.77 -4.07
N ALA A 14 -6.37 -3.82 -3.36
CA ALA A 14 -5.31 -4.74 -3.82
C ALA A 14 -5.90 -5.97 -4.55
C ACE A 1 -4.05 2.71 5.55
O ACE A 1 -4.05 2.65 4.31
CH3 ACE A 1 -5.34 3.06 6.30
H1 ACE A 1 -5.22 4.01 6.85
H2 ACE A 1 -6.18 3.19 5.60
H3 ACE A 1 -5.61 2.26 7.02
N ILE A 2 -2.98 2.50 6.32
CA ILE A 2 -1.64 2.14 5.77
C ILE A 2 -1.35 0.69 6.22
N TRP A 3 -1.18 -0.21 5.24
CA TRP A 3 -0.92 -1.67 5.50
C TRP A 3 0.41 -2.20 4.87
N GLY A 4 1.50 -1.41 4.97
CA GLY A 4 2.83 -1.77 4.41
C GLY A 4 2.93 -1.63 2.88
N SET A 5 3.04 -0.38 2.40
CA SET A 5 3.13 -0.09 0.93
CB SET A 5 3.95 1.21 0.64
OG SET A 5 3.44 2.20 0.12
NT SET A 5 0.72 0.81 0.77
C SET A 5 1.74 -0.14 0.24
H SET A 5 3.00 0.36 3.10
HA SET A 5 3.71 -0.91 0.46
HB2 SET A 5 1.87 0.07 -0.83
HB3 SET A 5 1.36 -1.19 0.25
HNT2 SET A 5 0.88 1.81 0.72
N SER A 6 5.25 1.15 0.95
CA SER A 6 6.21 2.27 0.73
C SER A 6 6.88 2.09 -0.66
N GLY A 7 6.83 3.14 -1.51
CA GLY A 7 7.40 3.08 -2.89
C GLY A 7 6.29 2.75 -3.90
N LYS A 8 5.87 1.46 -3.93
CA LYS A 8 4.77 0.96 -4.79
C LYS A 8 3.49 1.11 -3.92
N LEU A 9 2.83 2.27 -4.06
CA LEU A 9 1.60 2.63 -3.30
C LEU A 9 0.35 1.81 -3.75
N ILE A 10 -0.03 0.83 -2.91
CA ILE A 10 -1.21 -0.05 -3.12
C ILE A 10 -1.97 -0.14 -1.76
N GLU A 11 -2.50 1.01 -1.28
CA GLU A 11 -3.22 1.13 0.01
C GLU A 11 -4.70 1.57 -0.24
N THR A 12 -5.54 0.69 -0.87
CA THR A 12 -6.98 0.99 -1.13
C THR A 12 -7.84 0.36 0.01
N THR A 13 -7.99 -0.98 0.04
CA THR A 13 -8.77 -1.71 1.08
C THR A 13 -8.07 -3.09 1.26
N ALA A 14 -7.41 -3.29 2.41
CA ALA A 14 -6.70 -4.57 2.72
C ALA A 14 -6.92 -4.95 4.20
C ACE A 1 -6.04 -0.49 3.18
O ACE A 1 -5.50 -0.10 2.14
CH3 ACE A 1 -7.51 -0.89 3.17
H1 ACE A 1 -8.12 -0.20 3.78
H2 ACE A 1 -7.92 -0.87 2.15
H3 ACE A 1 -7.66 -1.92 3.57
N ILE A 2 -5.41 -0.59 4.36
CA ILE A 2 -3.97 -0.26 4.56
C ILE A 2 -3.24 -1.59 4.88
N TRP A 3 -2.32 -2.00 3.98
CA TRP A 3 -1.57 -3.28 4.11
C TRP A 3 -0.01 -3.17 4.14
N GLY A 4 0.57 -2.02 4.52
CA GLY A 4 2.04 -1.81 4.55
C GLY A 4 2.61 -1.62 3.13
N SET A 5 2.60 -0.37 2.63
CA SET A 5 3.06 -0.04 1.25
CB SET A 5 3.97 1.23 1.24
OG SET A 5 3.58 2.30 1.72
NT SET A 5 0.78 1.02 0.63
C SET A 5 1.86 0.07 0.27
H SET A 5 2.19 0.33 3.25
HA SET A 5 3.65 -0.89 0.87
HB2 SET A 5 2.24 0.32 -0.73
HB3 SET A 5 1.44 -0.96 0.11
HNT2 SET A 5 0.91 2.03 0.51
N SER A 6 5.19 1.08 0.67
CA SER A 6 6.19 2.18 0.55
C SER A 6 6.88 2.01 -0.83
N GLY A 7 6.91 3.09 -1.64
CA GLY A 7 7.50 3.03 -3.01
C GLY A 7 6.37 2.84 -4.03
N LYS A 8 5.88 1.58 -4.16
CA LYS A 8 4.74 1.22 -5.03
C LYS A 8 3.52 1.20 -4.07
N LEU A 9 2.84 2.36 -3.96
CA LEU A 9 1.67 2.53 -3.04
C LEU A 9 0.39 1.80 -3.53
N ILE A 10 0.09 0.66 -2.90
CA ILE A 10 -1.14 -0.15 -3.16
C ILE A 10 -1.99 -0.17 -1.85
N GLU A 11 -2.44 1.02 -1.42
CA GLU A 11 -3.24 1.22 -0.17
C GLU A 11 -4.71 1.65 -0.48
N THR A 12 -5.43 0.88 -1.33
CA THR A 12 -6.83 1.16 -1.74
C THR A 12 -7.52 -0.21 -1.98
N THR A 13 -7.24 -0.90 -3.11
CA THR A 13 -7.83 -2.22 -3.45
C THR A 13 -6.67 -3.06 -4.06
N ALA A 14 -6.18 -4.06 -3.31
CA ALA A 14 -5.07 -4.95 -3.76
C ALA A 14 -5.62 -6.22 -4.44
C ACE A 1 -3.39 4.69 3.86
O ACE A 1 -3.89 3.99 2.97
CH3 ACE A 1 -4.22 5.74 4.57
H1 ACE A 1 -5.24 5.77 4.16
H2 ACE A 1 -4.31 5.52 5.65
H3 ACE A 1 -3.78 6.75 4.45
N ILE A 2 -2.11 4.58 4.26
CA ILE A 2 -1.16 3.59 3.69
C ILE A 2 -0.75 2.67 4.88
N TRP A 3 -1.11 1.38 4.76
CA TRP A 3 -0.85 0.36 5.82
C TRP A 3 0.24 -0.66 5.38
N GLY A 4 1.48 -0.17 5.34
CA GLY A 4 2.67 -0.98 4.96
C GLY A 4 2.89 -1.22 3.45
N SET A 5 3.15 -0.15 2.68
CA SET A 5 3.39 -0.22 1.21
CB SET A 5 4.07 1.11 0.75
OG SET A 5 3.45 1.98 0.13
NT SET A 5 0.85 -0.11 0.76
C SET A 5 2.16 -0.65 0.36
H SET A 5 3.08 0.76 3.17
HA SET A 5 4.14 -1.01 1.05
HB2 SET A 5 2.34 -0.42 -0.71
HB3 SET A 5 2.13 -1.76 0.40
HNT2 SET A 5 0.80 0.74 1.34
N SER A 6 5.38 1.21 1.05
CA SER A 6 6.24 2.37 0.70
C SER A 6 6.92 2.12 -0.68
N GLY A 7 6.87 3.12 -1.58
CA GLY A 7 7.44 2.98 -2.95
C GLY A 7 6.28 2.70 -3.93
N LYS A 8 5.81 1.43 -3.95
CA LYS A 8 4.66 1.00 -4.78
C LYS A 8 3.40 1.11 -3.87
N LEU A 9 2.77 2.30 -3.88
CA LEU A 9 1.57 2.59 -3.06
C LEU A 9 0.29 1.95 -3.67
N ILE A 10 -0.10 0.78 -3.12
CA ILE A 10 -1.31 0.03 -3.53
C ILE A 10 -2.16 -0.33 -2.26
N GLU A 11 -2.52 0.69 -1.45
CA GLU A 11 -3.28 0.54 -0.20
C GLU A 11 -4.50 1.52 -0.25
N THR A 12 -5.59 1.19 -1.00
CA THR A 12 -6.80 2.08 -1.09
C THR A 12 -7.71 1.93 0.16
N THR A 13 -8.33 0.75 0.38
CA THR A 13 -9.23 0.50 1.55
C THR A 13 -8.96 -0.96 2.01
N ALA A 14 -8.34 -1.11 3.20
CA ALA A 14 -8.02 -2.43 3.79
C ALA A 14 -9.09 -2.84 4.83
C ACE A 1 -2.80 4.56 5.51
O ACE A 1 -3.09 4.41 4.32
CH3 ACE A 1 -3.68 5.41 6.41
H1 ACE A 1 -4.08 4.81 7.25
H2 ACE A 1 -3.13 6.28 6.83
H3 ACE A 1 -4.55 5.82 5.86
N ILE A 2 -1.71 4.03 6.09
CA ILE A 2 -0.74 3.17 5.36
C ILE A 2 -0.84 1.76 6.00
N TRP A 3 -1.20 0.77 5.17
CA TRP A 3 -1.37 -0.65 5.62
C TRP A 3 -0.38 -1.59 4.87
N GLY A 4 0.92 -1.30 5.01
CA GLY A 4 2.01 -2.06 4.36
C GLY A 4 2.27 -1.71 2.87
N SET A 5 2.71 -0.47 2.58
CA SET A 5 2.99 -0.02 1.19
CB SET A 5 3.95 1.21 1.23
OG SET A 5 3.61 2.26 1.80
NT SET A 5 0.75 1.23 0.75
C SET A 5 1.73 0.20 0.32
H SET A 5 2.80 0.16 3.38
HA SET A 5 3.53 -0.86 0.71
HB2 SET A 5 2.07 0.47 -0.70
HB3 SET A 5 1.22 -0.77 0.17
HNT2 SET A 5 0.90 2.23 0.51
N SER A 6 5.14 1.09 0.62
CA SER A 6 6.16 2.16 0.55
C SER A 6 6.84 2.04 -0.85
N GLY A 7 6.84 3.13 -1.63
CA GLY A 7 7.41 3.13 -3.01
C GLY A 7 6.27 2.83 -4.01
N LYS A 8 5.89 1.54 -4.11
CA LYS A 8 4.77 1.08 -4.96
C LYS A 8 3.55 1.14 -4.00
N LEU A 9 2.86 2.30 -4.02
CA LEU A 9 1.70 2.58 -3.13
C LEU A 9 0.39 1.86 -3.57
N ILE A 10 0.13 0.72 -2.90
CA ILE A 10 -1.09 -0.10 -3.11
C ILE A 10 -1.86 -0.10 -1.74
N GLU A 11 -2.44 1.06 -1.41
CA GLU A 11 -3.19 1.29 -0.14
C GLU A 11 -4.70 1.55 -0.47
N THR A 12 -5.45 0.52 -0.93
CA THR A 12 -6.91 0.66 -1.26
C THR A 12 -7.78 0.15 -0.06
N THR A 13 -7.75 -1.16 0.26
CA THR A 13 -8.55 -1.75 1.37
C THR A 13 -7.91 -1.39 2.75
N ALA A 14 -8.74 -0.88 3.68
CA ALA A 14 -8.29 -0.49 5.04
C ALA A 14 -8.09 -1.68 6.00
C ACE A 1 -6.04 -0.46 3.24
O ACE A 1 -5.53 -0.04 2.21
CH3 ACE A 1 -7.52 -0.82 3.27
H1 ACE A 1 -7.69 -1.86 3.63
H2 ACE A 1 -8.09 -0.14 3.93
H3 ACE A 1 -7.97 -0.75 2.26
N ILE A 2 -5.39 -0.63 4.40
CA ILE A 2 -3.93 -0.34 4.57
C ILE A 2 -3.23 -1.71 4.81
N TRP A 3 -2.35 -2.09 3.87
CA TRP A 3 -1.63 -3.41 3.94
C TRP A 3 -0.06 -3.34 3.92
N GLY A 4 0.56 -2.22 4.35
CA GLY A 4 2.03 -2.06 4.35
C GLY A 4 2.57 -1.78 2.94
N SET A 5 2.68 -0.49 2.57
CA SET A 5 3.14 -0.07 1.21
CB SET A 5 4.04 1.20 1.28
OG SET A 5 3.65 2.22 1.85
NT SET A 5 0.84 1.01 0.65
C SET A 5 1.94 0.09 0.23
H SET A 5 2.37 0.19 3.27
HA SET A 5 3.73 -0.90 0.78
HB2 SET A 5 2.32 0.43 -0.75
HB3 SET A 5 1.53 -0.91 -0.01
HNT2 SET A 5 0.96 2.03 0.60
N SER A 6 5.24 1.11 0.66
CA SER A 6 6.23 2.22 0.60
C SER A 6 6.91 2.12 -0.79
N GLY A 7 6.81 3.18 -1.62
CA GLY A 7 7.38 3.17 -2.99
C GLY A 7 6.25 2.82 -3.99
N LYS A 8 5.92 1.52 -4.08
CA LYS A 8 4.81 1.01 -4.92
C LYS A 8 3.55 1.08 -3.99
N LEU A 9 2.87 2.23 -4.03
CA LEU A 9 1.69 2.52 -3.17
C LEU A 9 0.38 1.84 -3.65
N ILE A 10 0.01 0.75 -2.94
CA ILE A 10 -1.24 -0.02 -3.18
C ILE A 10 -2.04 -0.06 -1.83
N GLU A 11 -2.44 1.12 -1.34
CA GLU A 11 -3.19 1.29 -0.06
C GLU A 11 -4.66 1.79 -0.32
N THR A 12 -5.43 1.09 -1.18
CA THR A 12 -6.84 1.44 -1.52
C THR A 12 -7.59 0.11 -1.81
N THR A 13 -7.38 -0.51 -2.99
CA THR A 13 -8.03 -1.79 -3.38
C THR A 13 -6.93 -2.66 -4.06
N ALA A 14 -6.46 -3.71 -3.36
CA ALA A 14 -5.41 -4.63 -3.88
C ALA A 14 -6.06 -5.85 -4.57
C ACE A 1 -4.00 -4.04 0.57
O ACE A 1 -3.73 -3.05 -0.12
CH3 ACE A 1 -5.24 -4.87 0.27
H1 ACE A 1 -5.10 -5.94 0.47
H2 ACE A 1 -6.10 -4.51 0.85
H3 ACE A 1 -5.51 -4.78 -0.81
N ILE A 2 -3.26 -4.44 1.61
CA ILE A 2 -2.01 -3.76 2.04
C ILE A 2 -0.85 -4.78 1.79
N TRP A 3 -0.26 -4.75 0.57
CA TRP A 3 0.89 -5.64 0.20
C TRP A 3 2.13 -4.75 -0.10
N GLY A 4 2.69 -4.20 1.00
CA GLY A 4 3.86 -3.31 0.97
C GLY A 4 3.49 -1.86 0.64
N SET A 5 3.32 -1.01 1.69
CA SET A 5 2.93 0.42 1.50
CB SET A 5 4.15 1.38 1.70
OG SET A 5 4.31 2.03 2.73
NT SET A 5 0.82 1.86 1.97
C SET A 5 1.70 0.75 2.43
H SET A 5 3.56 -1.41 2.60
HA SET A 5 2.59 0.52 0.43
HB2 SET A 5 1.08 -0.14 2.58
HB3 SET A 5 2.05 0.98 3.46
HNT2 SET A 5 0.77 2.74 2.51
N SER A 6 5.01 1.41 0.66
CA SER A 6 6.25 2.24 0.62
C SER A 6 6.82 2.04 -0.82
N GLY A 7 6.89 3.12 -1.63
CA GLY A 7 7.38 3.02 -3.04
C GLY A 7 6.23 2.67 -3.99
N LYS A 8 5.83 1.39 -3.98
CA LYS A 8 4.67 0.87 -4.76
C LYS A 8 3.45 1.06 -3.80
N LEU A 9 2.81 2.23 -3.90
CA LEU A 9 1.66 2.59 -3.03
C LEU A 9 0.30 2.02 -3.52
N ILE A 10 0.06 0.76 -3.13
CA ILE A 10 -1.21 0.01 -3.41
C ILE A 10 -1.87 -0.11 -2.01
N GLU A 11 -2.47 1.01 -1.54
CA GLU A 11 -3.08 1.09 -0.17
C GLU A 11 -4.64 0.95 -0.27
N THR A 12 -5.16 -0.25 -0.60
CA THR A 12 -6.64 -0.48 -0.72
C THR A 12 -7.39 -0.51 0.65
N THR A 13 -7.05 -1.44 1.57
CA THR A 13 -7.72 -1.53 2.90
C THR A 13 -6.88 -0.76 3.98
N ALA A 14 -6.95 0.58 3.95
CA ALA A 14 -6.21 1.46 4.89
C ALA A 14 -7.09 1.89 6.08
C ACE A 1 -0.73 -5.25 -2.01
O ACE A 1 -0.11 -4.18 -1.99
CH3 ACE A 1 -1.19 -5.86 -3.34
H1 ACE A 1 -0.87 -5.22 -4.20
H2 ACE A 1 -0.74 -6.85 -3.50
H3 ACE A 1 -2.28 -5.96 -3.38
N ILE A 2 -1.05 -5.95 -0.92
CA ILE A 2 -0.67 -5.49 0.46
C ILE A 2 0.61 -6.30 0.87
N TRP A 3 1.77 -5.84 0.39
CA TRP A 3 3.10 -6.45 0.70
C TRP A 3 4.16 -5.31 0.52
N GLY A 4 4.23 -4.46 1.54
CA GLY A 4 5.15 -3.30 1.59
C GLY A 4 4.47 -2.02 1.03
N SET A 5 3.93 -1.18 1.93
CA SET A 5 3.23 0.09 1.53
CB SET A 5 4.20 1.30 1.73
OG SET A 5 4.14 2.05 2.70
NT SET A 5 1.02 1.33 1.97
C SET A 5 1.90 0.19 2.33
H SET A 5 4.16 -1.41 2.90
HA SET A 5 2.96 0.01 0.46
HB2 SET A 5 1.32 -0.75 2.23
HB3 SET A 5 2.11 0.26 3.42
HNT2 SET A 5 0.95 2.13 2.62
N SER A 6 5.12 1.44 0.75
CA SER A 6 6.16 2.50 0.68
C SER A 6 6.83 2.31 -0.71
N GLY A 7 6.71 3.31 -1.62
CA GLY A 7 7.27 3.19 -3.00
C GLY A 7 6.20 2.59 -3.95
N LYS A 8 5.89 1.29 -3.75
CA LYS A 8 4.84 0.57 -4.49
C LYS A 8 3.55 0.86 -3.66
N LEU A 9 2.85 1.94 -4.04
CA LEU A 9 1.65 2.43 -3.31
C LEU A 9 0.28 2.00 -3.91
N ILE A 10 -0.29 0.97 -3.29
CA ILE A 10 -1.65 0.43 -3.60
C ILE A 10 -2.14 0.08 -2.15
N GLU A 11 -2.56 1.12 -1.40
CA GLU A 11 -2.96 0.98 0.03
C GLU A 11 -4.50 0.86 0.24
N THR A 12 -5.14 -0.24 -0.23
CA THR A 12 -6.61 -0.46 -0.05
C THR A 12 -6.89 -0.92 1.43
N THR A 13 -6.50 -2.16 1.80
CA THR A 13 -6.68 -2.69 3.18
C THR A 13 -5.27 -2.80 3.85
N ALA A 14 -4.65 -1.65 4.19
CA ALA A 14 -3.30 -1.60 4.82
C ALA A 14 -3.43 -1.54 6.35
C ACE A 1 -5.48 -4.31 4.40
O ACE A 1 -5.20 -4.81 5.49
CH3 ACE A 1 -6.94 -4.12 4.00
H1 ACE A 1 -7.62 -4.45 4.80
H2 ACE A 1 -7.17 -3.06 3.78
H3 ACE A 1 -7.18 -4.72 3.10
N ILE A 2 -4.58 -3.90 3.49
CA ILE A 2 -3.11 -3.99 3.71
C ILE A 2 -2.62 -2.52 3.84
N TRP A 3 -2.10 -2.12 5.03
CA TRP A 3 -1.64 -0.71 5.28
C TRP A 3 -0.11 -0.48 5.41
N GLY A 4 0.74 -1.47 5.07
CA GLY A 4 2.21 -1.36 5.13
C GLY A 4 2.76 -1.42 3.69
N SET A 5 2.85 -0.25 3.03
CA SET A 5 3.33 -0.15 1.62
CB SET A 5 4.16 1.16 1.41
OG SET A 5 3.70 2.25 1.75
NT SET A 5 1.10 0.72 0.55
C SET A 5 2.17 -0.32 0.59
H SET A 5 2.46 0.55 3.53
HA SET A 5 4.00 -1.01 1.43
HB2 SET A 5 2.61 -0.36 -0.42
HB3 SET A 5 1.72 -1.32 0.72
HNT2 SET A 5 1.13 1.44 -0.19
N SER A 6 5.39 1.02 0.86
CA SER A 6 6.31 2.16 0.59
C SER A 6 6.89 2.00 -0.84
N GLY A 7 6.87 3.07 -1.65
CA GLY A 7 7.37 3.04 -3.05
C GLY A 7 6.20 2.78 -4.02
N LYS A 8 5.77 1.51 -4.11
CA LYS A 8 4.61 1.09 -4.95
C LYS A 8 3.38 1.20 -3.99
N LEU A 9 2.73 2.36 -4.05
CA LEU A 9 1.56 2.68 -3.18
C LEU A 9 0.23 2.05 -3.71
N ILE A 10 -0.06 0.85 -3.19
CA ILE A 10 -1.28 0.07 -3.51
C ILE A 10 -1.70 -0.55 -2.13
N GLU A 11 -2.35 0.28 -1.28
CA GLU A 11 -2.77 -0.14 0.08
C GLU A 11 -4.22 -0.75 0.13
N THR A 12 -4.45 -1.89 -0.55
CA THR A 12 -5.78 -2.57 -0.59
C THR A 12 -5.52 -4.11 -0.47
N THR A 13 -5.08 -4.78 -1.56
CA THR A 13 -4.81 -6.25 -1.57
C THR A 13 -3.29 -6.60 -1.70
N ALA A 14 -2.57 -6.04 -2.70
CA ALA A 14 -1.13 -6.34 -2.92
C ALA A 14 -0.21 -5.61 -1.90
C ACE A 1 -4.57 -6.33 3.26
O ACE A 1 -4.11 -7.02 4.16
CH3 ACE A 1 -5.98 -6.59 2.75
H1 ACE A 1 -6.57 -7.17 3.49
H2 ACE A 1 -6.54 -5.65 2.56
H3 ACE A 1 -5.97 -7.18 1.82
N ILE A 2 -3.88 -5.36 2.63
CA ILE A 2 -2.48 -4.99 2.99
C ILE A 2 -2.44 -3.44 3.17
N TRP A 3 -2.12 -2.96 4.40
CA TRP A 3 -2.05 -1.49 4.68
C TRP A 3 -0.66 -1.07 5.27
N GLY A 4 0.40 -1.46 4.56
CA GLY A 4 1.80 -1.16 4.89
C GLY A 4 2.57 -1.28 3.56
N SET A 5 2.71 -0.14 2.83
CA SET A 5 3.35 -0.10 1.49
CB SET A 5 4.20 1.19 1.30
OG SET A 5 3.71 2.30 1.49
NT SET A 5 1.16 0.69 0.31
C SET A 5 2.28 -0.29 0.37
H SET A 5 2.25 0.68 3.24
HA SET A 5 4.02 -0.98 1.40
HB2 SET A 5 2.78 -0.28 -0.61
HB3 SET A 5 1.86 -1.32 0.44
HNT2 SET A 5 1.29 1.53 -0.27
N SER A 6 5.48 1.02 0.90
CA SER A 6 6.42 2.14 0.65
C SER A 6 7.00 1.97 -0.78
N GLY A 7 6.94 3.05 -1.60
CA GLY A 7 7.42 3.01 -3.01
C GLY A 7 6.25 2.80 -3.98
N LYS A 8 5.76 1.54 -4.07
CA LYS A 8 4.61 1.17 -4.92
C LYS A 8 3.35 1.23 -3.99
N LEU A 9 2.68 2.38 -4.00
CA LEU A 9 1.49 2.64 -3.14
C LEU A 9 0.20 1.98 -3.71
N ILE A 10 -0.12 0.79 -3.17
CA ILE A 10 -1.31 -0.01 -3.51
C ILE A 10 -1.82 -0.54 -2.14
N GLU A 11 -2.49 0.33 -1.36
CA GLU A 11 -2.98 -0.01 0.00
C GLU A 11 -4.51 -0.32 0.04
N THR A 12 -4.95 -1.45 -0.57
CA THR A 12 -6.38 -1.86 -0.59
C THR A 12 -6.41 -3.39 -0.32
N THR A 13 -6.19 -4.25 -1.34
CA THR A 13 -6.18 -5.73 -1.20
C THR A 13 -4.73 -6.28 -1.35
N ALA A 14 -4.14 -6.21 -2.56
CA ALA A 14 -2.75 -6.69 -2.82
C ALA A 14 -1.99 -5.59 -3.59
C ACE A 1 -4.54 -6.30 3.52
O ACE A 1 -4.01 -6.95 4.43
CH3 ACE A 1 -6.01 -6.55 3.19
H1 ACE A 1 -6.56 -5.61 2.99
H2 ACE A 1 -6.11 -7.20 2.29
H3 ACE A 1 -6.53 -7.05 4.02
N ILE A 2 -3.91 -5.39 2.78
CA ILE A 2 -2.47 -5.03 2.97
C ILE A 2 -2.41 -3.48 3.09
N TRP A 3 -2.02 -2.96 4.28
CA TRP A 3 -1.93 -1.49 4.53
C TRP A 3 -0.51 -0.93 4.91
N GLY A 4 0.57 -1.72 4.71
CA GLY A 4 1.97 -1.30 4.97
C GLY A 4 2.73 -1.37 3.64
N SET A 5 2.77 -0.24 2.91
CA SET A 5 3.41 -0.15 1.57
CB SET A 5 4.24 1.16 1.41
OG SET A 5 3.78 2.25 1.77
NT SET A 5 1.24 0.68 0.38
C SET A 5 2.34 -0.32 0.44
H SET A 5 2.23 0.54 3.31
HA SET A 5 4.10 -1.01 1.46
HB2 SET A 5 2.86 -0.30 -0.54
HB3 SET A 5 1.93 -1.34 0.49
HNT2 SET A 5 1.37 1.52 -0.19
N SER A 6 5.48 1.03 0.87
CA SER A 6 6.40 2.17 0.64
C SER A 6 6.98 2.04 -0.80
N GLY A 7 6.86 3.10 -1.61
CA GLY A 7 7.34 3.08 -3.03
C GLY A 7 6.17 2.78 -3.99
N LYS A 8 5.78 1.50 -4.07
CA LYS A 8 4.63 1.05 -4.91
C LYS A 8 3.38 1.15 -3.97
N LEU A 9 2.72 2.32 -4.04
CA LEU A 9 1.54 2.63 -3.19
C LEU A 9 0.22 2.03 -3.74
N ILE A 10 -0.12 0.84 -3.22
CA ILE A 10 -1.35 0.09 -3.54
C ILE A 10 -1.82 -0.49 -2.18
N GLU A 11 -2.44 0.37 -1.34
CA GLU A 11 -2.88 -0.02 0.03
C GLU A 11 -4.39 -0.42 0.10
N THR A 12 -4.79 -1.57 -0.48
CA THR A 12 -6.20 -2.05 -0.46
C THR A 12 -6.15 -3.56 -0.09
N THR A 13 -5.91 -4.46 -1.08
CA THR A 13 -5.83 -5.93 -0.87
C THR A 13 -4.53 -6.53 -1.47
N ALA A 14 -4.25 -6.32 -2.78
CA ALA A 14 -3.03 -6.85 -3.45
C ALA A 14 -1.76 -6.00 -3.18
C ACE A 1 -5.66 -4.01 4.47
O ACE A 1 -5.38 -4.44 5.60
CH3 ACE A 1 -7.11 -3.81 4.07
H1 ACE A 1 -7.80 -4.02 4.91
H2 ACE A 1 -7.30 -2.76 3.74
H3 ACE A 1 -7.40 -4.47 3.23
N ILE A 2 -4.75 -3.72 3.54
CA ILE A 2 -3.28 -3.84 3.74
C ILE A 2 -2.74 -2.38 3.80
N TRP A 3 -2.21 -1.95 4.95
CA TRP A 3 -1.69 -0.55 5.13
C TRP A 3 -0.14 -0.37 5.28
N GLY A 4 0.67 -1.41 5.02
CA GLY A 4 2.14 -1.35 5.07
C GLY A 4 2.72 -1.41 3.64
N SET A 5 2.82 -0.25 2.98
CA SET A 5 3.34 -0.15 1.58
CB SET A 5 4.18 1.15 1.40
OG SET A 5 3.72 2.26 1.72
NT SET A 5 1.12 0.73 0.48
C SET A 5 2.19 -0.31 0.53
H SET A 5 2.42 0.56 3.47
HA SET A 5 4.01 -1.02 1.40
HB2 SET A 5 2.65 -0.35 -0.48
HB3 SET A 5 1.73 -1.31 0.64
HNT2 SET A 5 1.21 1.48 -0.22
N SER A 6 5.41 1.02 0.86
CA SER A 6 6.34 2.16 0.61
C SER A 6 6.93 2.01 -0.82
N GLY A 7 6.85 3.08 -1.64
CA GLY A 7 7.36 3.05 -3.03
C GLY A 7 6.20 2.78 -4.01
N LYS A 8 5.77 1.51 -4.10
CA LYS A 8 4.63 1.09 -4.94
C LYS A 8 3.39 1.19 -3.99
N LEU A 9 2.72 2.36 -4.05
CA LEU A 9 1.56 2.67 -3.18
C LEU A 9 0.23 2.04 -3.72
N ILE A 10 -0.07 0.85 -3.18
CA ILE A 10 -1.29 0.05 -3.50
C ILE A 10 -1.74 -0.51 -2.11
N GLU A 11 -2.41 0.34 -1.31
CA GLU A 11 -2.85 -0.02 0.07
C GLU A 11 -4.33 -0.51 0.13
N THR A 12 -4.66 -1.66 -0.52
CA THR A 12 -6.05 -2.21 -0.52
C THR A 12 -5.95 -3.77 -0.41
N THR A 13 -5.68 -4.49 -1.52
CA THR A 13 -5.56 -5.98 -1.53
C THR A 13 -4.08 -6.46 -1.38
N ALA A 14 -3.18 -6.11 -2.33
CA ALA A 14 -1.75 -6.50 -2.29
C ALA A 14 -0.87 -5.35 -2.81
C ACE A 1 -4.43 -6.38 3.16
O ACE A 1 -3.96 -7.02 4.10
CH3 ACE A 1 -5.87 -6.65 2.72
H1 ACE A 1 -6.41 -7.24 3.48
H2 ACE A 1 -6.44 -5.72 2.56
H3 ACE A 1 -5.89 -7.23 1.77
N ILE A 2 -3.76 -5.46 2.45
CA ILE A 2 -2.35 -5.08 2.75
C ILE A 2 -2.33 -3.53 2.93
N TRP A 3 -1.99 -3.06 4.15
CA TRP A 3 -1.94 -1.59 4.46
C TRP A 3 -0.54 -1.01 4.87
N GLY A 4 0.56 -1.76 4.67
CA GLY A 4 1.95 -1.32 4.96
C GLY A 4 2.72 -1.38 3.62
N SET A 5 2.75 -0.25 2.91
CA SET A 5 3.40 -0.14 1.57
CB SET A 5 4.24 1.16 1.42
OG SET A 5 3.79 2.25 1.80
NT SET A 5 1.22 0.70 0.38
C SET A 5 2.33 -0.31 0.44
H SET A 5 2.21 0.52 3.30
HA SET A 5 4.08 -1.01 1.44
HB2 SET A 5 2.84 -0.29 -0.54
HB3 SET A 5 1.90 -1.33 0.48
HNT2 SET A 5 1.37 1.54 -0.18
N SER A 6 5.46 1.04 0.86
CA SER A 6 6.38 2.18 0.64
C SER A 6 6.98 2.04 -0.80
N GLY A 7 6.86 3.10 -1.62
CA GLY A 7 7.35 3.07 -3.03
C GLY A 7 6.18 2.79 -4.00
N LYS A 8 5.78 1.51 -4.09
CA LYS A 8 4.64 1.06 -4.92
C LYS A 8 3.40 1.16 -3.98
N LEU A 9 2.74 2.32 -4.03
CA LEU A 9 1.56 2.63 -3.17
C LEU A 9 0.23 2.02 -3.73
N ILE A 10 -0.10 0.83 -3.20
CA ILE A 10 -1.34 0.07 -3.53
C ILE A 10 -1.83 -0.48 -2.15
N GLU A 11 -2.45 0.40 -1.33
CA GLU A 11 -2.91 0.04 0.04
C GLU A 11 -4.44 -0.29 0.08
N THR A 12 -4.87 -1.43 -0.53
CA THR A 12 -6.30 -1.85 -0.55
C THR A 12 -6.34 -3.39 -0.30
N THR A 13 -6.11 -4.22 -1.34
CA THR A 13 -6.12 -5.71 -1.23
C THR A 13 -4.68 -6.29 -1.44
N ALA A 14 -4.09 -6.14 -2.65
CA ALA A 14 -2.73 -6.66 -2.95
C ALA A 14 -1.88 -5.57 -3.64
C ACE A 1 -5.60 -3.63 6.15
O ACE A 1 -5.66 -3.03 7.23
CH3 ACE A 1 -6.88 -4.08 5.44
H1 ACE A 1 -6.91 -5.18 5.34
H2 ACE A 1 -7.77 -3.76 6.01
H3 ACE A 1 -6.96 -3.64 4.44
N ILE A 2 -4.47 -3.93 5.52
CA ILE A 2 -3.11 -3.57 6.03
C ILE A 2 -2.48 -2.64 4.95
N TRP A 3 -2.53 -1.32 5.17
CA TRP A 3 -1.95 -0.31 4.23
C TRP A 3 -0.61 0.16 4.85
N GLY A 4 0.48 -0.52 4.46
CA GLY A 4 1.83 -0.20 4.96
C GLY A 4 2.97 -0.75 4.09
N SET A 5 3.35 0.01 3.04
CA SET A 5 4.46 -0.36 2.11
CB SET A 5 4.94 0.91 1.36
OG SET A 5 4.16 1.55 0.64
NT SET A 5 3.01 -1.41 0.25
C SET A 5 4.16 -1.56 1.18
H SET A 5 2.78 0.85 2.89
HA SET A 5 5.28 -0.72 2.77
HB2 SET A 5 5.07 -1.78 0.58
HB3 SET A 5 4.00 -2.46 1.80
HNT2 SET A 5 2.47 -0.54 0.19
N SER A 6 6.23 1.25 1.52
CA SER A 6 6.85 2.45 0.86
C SER A 6 7.24 2.12 -0.61
N GLY A 7 6.83 3.00 -1.56
CA GLY A 7 7.12 2.80 -3.00
C GLY A 7 5.88 2.36 -3.82
N LYS A 8 5.29 1.21 -3.45
CA LYS A 8 4.08 0.66 -4.12
C LYS A 8 2.82 1.33 -3.49
N LEU A 9 2.31 2.33 -4.21
CA LEU A 9 1.10 3.12 -3.80
C LEU A 9 -0.30 2.40 -3.78
N ILE A 10 -0.42 1.13 -4.22
CA ILE A 10 -1.70 0.36 -4.23
C ILE A 10 -1.42 -0.98 -3.48
N GLU A 11 -1.55 -0.98 -2.13
CA GLU A 11 -1.32 -2.17 -1.29
C GLU A 11 -2.56 -2.41 -0.36
N THR A 12 -3.58 -3.20 -0.78
CA THR A 12 -4.77 -3.49 0.08
C THR A 12 -4.39 -4.25 1.40
N THR A 13 -3.65 -5.37 1.31
CA THR A 13 -3.20 -6.16 2.48
C THR A 13 -1.68 -6.45 2.25
N ALA A 14 -0.80 -5.64 2.86
CA ALA A 14 0.66 -5.78 2.73
C ALA A 14 1.22 -6.81 3.74
C ACE A 1 -5.57 -3.73 6.16
O ACE A 1 -5.66 -3.13 7.23
CH3 ACE A 1 -6.83 -4.24 5.45
H1 ACE A 1 -7.74 -3.98 6.02
H2 ACE A 1 -6.93 -3.78 4.45
H3 ACE A 1 -6.81 -5.34 5.32
N ILE A 2 -4.42 -4.02 5.54
CA ILE A 2 -3.09 -3.60 6.07
C ILE A 2 -2.48 -2.67 4.98
N TRP A 3 -2.56 -1.34 5.19
CA TRP A 3 -2.00 -0.33 4.26
C TRP A 3 -0.66 0.16 4.87
N GLY A 4 0.44 -0.50 4.47
CA GLY A 4 1.78 -0.17 4.97
C GLY A 4 2.92 -0.72 4.11
N SET A 5 3.31 0.03 3.05
CA SET A 5 4.42 -0.35 2.14
CB SET A 5 4.91 0.91 1.37
OG SET A 5 4.13 1.55 0.66
NT SET A 5 2.99 -1.42 0.27
C SET A 5 4.13 -1.56 1.21
H SET A 5 2.75 0.87 2.89
HA SET A 5 5.25 -0.71 2.80
HB2 SET A 5 5.04 -1.80 0.63
HB3 SET A 5 3.97 -2.46 1.84
HNT2 SET A 5 2.44 -0.55 0.21
N SER A 6 6.21 1.25 1.50
CA SER A 6 6.82 2.42 0.82
C SER A 6 7.19 2.09 -0.66
N GLY A 7 6.87 3.02 -1.58
CA GLY A 7 7.13 2.83 -3.03
C GLY A 7 5.90 2.38 -3.83
N LYS A 8 5.30 1.23 -3.47
CA LYS A 8 4.10 0.67 -4.12
C LYS A 8 2.84 1.32 -3.48
N LEU A 9 2.31 2.34 -4.18
CA LEU A 9 1.11 3.10 -3.75
C LEU A 9 -0.29 2.39 -3.74
N ILE A 10 -0.41 1.12 -4.20
CA ILE A 10 -1.68 0.36 -4.22
C ILE A 10 -1.41 -0.99 -3.48
N GLU A 11 -1.55 -0.99 -2.14
CA GLU A 11 -1.32 -2.20 -1.30
C GLU A 11 -2.55 -2.43 -0.37
N THR A 12 -3.57 -3.23 -0.77
CA THR A 12 -4.77 -3.51 0.10
C THR A 12 -4.37 -4.25 1.43
N THR A 13 -3.66 -5.39 1.34
CA THR A 13 -3.20 -6.15 2.54
C THR A 13 -1.70 -6.47 2.29
N ALA A 14 -0.80 -5.66 2.89
CA ALA A 14 0.67 -5.82 2.76
C ALA A 14 1.22 -6.84 3.77
C ACE A 1 -5.57 -3.67 6.20
O ACE A 1 -5.64 -3.07 7.27
CH3 ACE A 1 -6.84 -4.15 5.49
H1 ACE A 1 -6.83 -5.25 5.36
H2 ACE A 1 -7.73 -3.89 6.07
H3 ACE A 1 -6.94 -3.69 4.49
N ILE A 2 -4.43 -3.98 5.57
CA ILE A 2 -3.08 -3.58 6.09
C ILE A 2 -2.46 -2.66 4.99
N TRP A 3 -2.53 -1.33 5.21
CA TRP A 3 -1.95 -0.33 4.28
C TRP A 3 -0.60 0.14 4.89
N GLY A 4 0.48 -0.53 4.47
CA GLY A 4 1.84 -0.23 4.97
C GLY A 4 2.97 -0.77 4.09
N SET A 5 3.35 0.00 3.06
CA SET A 5 4.45 -0.37 2.13
CB SET A 5 4.93 0.92 1.38
OG SET A 5 4.15 1.58 0.69
NT SET A 5 3.00 -1.41 0.24
C SET A 5 4.15 -1.55 1.16
H SET A 5 2.78 0.84 2.91
HA SET A 5 5.28 -0.73 2.76
HB2 SET A 5 5.06 -1.77 0.57
HB3 SET A 5 4.00 -2.46 1.79
HNT2 SET A 5 2.45 -0.54 0.19
N SER A 6 6.23 1.25 1.51
CA SER A 6 6.84 2.44 0.86
C SER A 6 7.23 2.13 -0.61
N GLY A 7 6.83 3.00 -1.56
CA GLY A 7 7.12 2.80 -3.00
C GLY A 7 5.89 2.36 -3.83
N LYS A 8 5.29 1.21 -3.46
CA LYS A 8 4.09 0.66 -4.13
C LYS A 8 2.83 1.32 -3.50
N LEU A 9 2.31 2.34 -4.21
CA LEU A 9 1.10 3.11 -3.78
C LEU A 9 -0.30 2.39 -3.76
N ILE A 10 -0.42 1.13 -4.22
CA ILE A 10 -1.69 0.36 -4.23
C ILE A 10 -1.42 -0.98 -3.48
N GLU A 11 -1.55 -0.97 -2.14
CA GLU A 11 -1.32 -2.17 -1.29
C GLU A 11 -2.56 -2.39 -0.35
N THR A 12 -3.59 -3.17 -0.76
CA THR A 12 -4.78 -3.44 0.12
C THR A 12 -4.39 -4.18 1.44
N THR A 13 -3.69 -5.33 1.36
CA THR A 13 -3.23 -6.10 2.54
C THR A 13 -1.74 -6.46 2.28
N ALA A 14 -0.82 -5.66 2.88
CA ALA A 14 0.64 -5.85 2.74
C ALA A 14 1.17 -6.88 3.77
C ACE A 1 -6.27 -2.39 6.11
O ACE A 1 -6.29 -1.65 7.10
CH3 ACE A 1 -7.56 -2.80 5.41
H1 ACE A 1 -7.58 -2.46 4.37
H2 ACE A 1 -7.68 -3.90 5.41
H3 ACE A 1 -8.45 -2.38 5.92
N ILE A 2 -5.15 -2.90 5.57
CA ILE A 2 -3.78 -2.61 6.10
C ILE A 2 -3.02 -1.91 4.93
N TRP A 3 -2.89 -0.58 5.00
CA TRP A 3 -2.15 0.22 3.98
C TRP A 3 -0.78 0.60 4.61
N GLY A 4 0.23 -0.24 4.36
CA GLY A 4 1.59 -0.03 4.91
C GLY A 4 2.72 -0.63 4.05
N SET A 5 3.10 0.08 2.97
CA SET A 5 4.20 -0.34 2.06
CB SET A 5 4.67 0.90 1.24
OG SET A 5 3.91 1.46 0.44
NT SET A 5 2.71 -1.52 0.30
C SET A 5 3.89 -1.59 1.19
H SET A 5 2.54 0.92 2.78
HA SET A 5 5.03 -0.67 2.72
HB2 SET A 5 4.78 -1.82 0.57
HB3 SET A 5 3.78 -2.46 1.87
HNT2 SET A 5 2.22 -0.63 0.13
N SER A 6 5.94 1.31 1.44
CA SER A 6 6.55 2.48 0.77
C SER A 6 7.07 2.14 -0.66
N GLY A 7 6.78 3.00 -1.64
CA GLY A 7 7.21 2.80 -3.05
C GLY A 7 6.00 2.48 -3.95
N LYS A 8 5.47 1.25 -3.83
CA LYS A 8 4.29 0.79 -4.60
C LYS A 8 3.05 1.12 -3.73
N LEU A 9 2.49 2.33 -3.95
CA LEU A 9 1.33 2.86 -3.19
C LEU A 9 -0.10 2.40 -3.68
N ILE A 10 -0.31 1.08 -3.68
CA ILE A 10 -1.58 0.42 -4.05
C ILE A 10 -1.53 -0.97 -3.33
N GLU A 11 -1.74 -0.98 -2.00
CA GLU A 11 -1.67 -2.21 -1.16
C GLU A 11 -2.94 -2.27 -0.26
N THR A 12 -4.03 -2.98 -0.67
CA THR A 12 -5.27 -3.11 0.17
C THR A 12 -5.00 -3.76 1.57
N THR A 13 -4.36 -4.94 1.63
CA THR A 13 -4.01 -5.62 2.90
C THR A 13 -2.53 -6.09 2.75
N ALA A 14 -1.60 -5.29 3.32
CA ALA A 14 -0.14 -5.57 3.27
C ALA A 14 0.28 -6.52 4.41
C ACE A 1 4.61 6.71 0.11
O ACE A 1 5.55 5.90 0.18
CH3 ACE A 1 4.60 7.76 -0.99
H1 ACE A 1 3.62 7.80 -1.52
H2 ACE A 1 4.80 8.77 -0.58
H3 ACE A 1 5.37 7.56 -1.75
N ILE A 2 3.57 6.73 0.94
CA ILE A 2 3.42 5.79 2.09
C ILE A 2 1.93 5.34 2.26
N TRP A 3 1.48 4.29 1.53
CA TRP A 3 0.10 3.72 1.68
C TRP A 3 0.32 2.24 2.07
N GLY A 4 0.77 2.05 3.34
CA GLY A 4 1.12 0.72 3.88
C GLY A 4 2.62 0.44 3.62
N SET A 5 2.92 0.02 2.38
CA SET A 5 4.30 -0.26 1.89
CB SET A 5 4.87 0.99 1.15
OG SET A 5 4.19 1.60 0.32
NT SET A 5 3.34 -1.55 -0.13
C SET A 5 4.32 -1.54 0.99
H SET A 5 2.10 -0.03 1.76
HA SET A 5 4.94 -0.50 2.76
HB2 SET A 5 5.33 -1.69 0.57
HB3 SET A 5 4.16 -2.41 1.65
HNT2 SET A 5 2.90 -0.68 -0.44
N SER A 6 6.14 1.34 1.44
CA SER A 6 6.81 2.50 0.80
C SER A 6 7.23 2.18 -0.67
N GLY A 7 6.88 3.08 -1.61
CA GLY A 7 7.19 2.87 -3.05
C GLY A 7 5.97 2.38 -3.86
N LYS A 8 5.41 1.21 -3.49
CA LYS A 8 4.22 0.62 -4.14
C LYS A 8 2.97 1.15 -3.39
N LEU A 9 2.40 2.25 -3.91
CA LEU A 9 1.22 2.93 -3.32
C LEU A 9 -0.15 2.16 -3.35
N ILE A 10 -0.37 1.13 -4.21
CA ILE A 10 -1.67 0.38 -4.25
C ILE A 10 -1.69 -0.87 -3.28
N GLU A 11 -1.17 -0.72 -2.05
CA GLU A 11 -1.16 -1.79 -1.01
C GLU A 11 -2.30 -1.66 0.06
N THR A 12 -2.86 -0.44 0.34
CA THR A 12 -3.96 -0.23 1.32
C THR A 12 -5.21 0.11 0.45
N THR A 13 -5.32 1.37 -0.05
CA THR A 13 -6.44 1.80 -0.92
C THR A 13 -5.80 2.38 -2.23
N ALA A 14 -5.29 3.62 -2.22
CA ALA A 14 -4.64 4.25 -3.40
C ALA A 14 -3.64 5.32 -2.92
C ACE A 1 1.27 7.73 0.46
O ACE A 1 1.58 7.54 -0.71
CH3 ACE A 1 0.75 9.09 0.92
H1 ACE A 1 0.70 9.80 0.07
H2 ACE A 1 -0.27 9.02 1.34
H3 ACE A 1 1.40 9.53 1.69
N ILE A 2 1.36 6.80 1.42
CA ILE A 2 1.83 5.41 1.19
C ILE A 2 0.92 4.53 2.09
N TRP A 3 0.03 3.69 1.50
CA TRP A 3 -0.88 2.79 2.30
C TRP A 3 -0.12 1.49 2.70
N GLY A 4 0.62 1.61 3.81
CA GLY A 4 1.43 0.51 4.37
C GLY A 4 2.87 0.45 3.82
N SET A 5 3.01 -0.12 2.62
CA SET A 5 4.31 -0.28 1.92
CB SET A 5 4.79 1.02 1.19
OG SET A 5 4.03 1.63 0.42
NT SET A 5 3.21 -1.48 -0.07
C SET A 5 4.29 -1.50 0.96
H SET A 5 2.12 -0.38 2.17
HA SET A 5 5.07 -0.55 2.70
HB2 SET A 5 5.27 -1.61 0.45
HB3 SET A 5 4.19 -2.41 1.58
HNT2 SET A 5 2.66 -0.63 -0.27
N SER A 6 6.06 1.42 1.42
CA SER A 6 6.66 2.62 0.79
C SER A 6 7.20 2.24 -0.63
N GLY A 7 6.81 3.02 -1.65
CA GLY A 7 7.21 2.76 -3.05
C GLY A 7 6.01 2.33 -3.91
N LYS A 8 5.42 1.16 -3.59
CA LYS A 8 4.21 0.63 -4.27
C LYS A 8 2.98 1.15 -3.47
N LEU A 9 2.43 2.27 -3.96
CA LEU A 9 1.27 2.95 -3.31
C LEU A 9 -0.08 2.17 -3.24
N ILE A 10 -0.41 1.22 -4.15
CA ILE A 10 -1.70 0.47 -4.12
C ILE A 10 -1.54 -0.94 -3.46
N GLU A 11 -1.31 -0.96 -2.13
CA GLU A 11 -1.17 -2.21 -1.34
C GLU A 11 -2.39 -2.56 -0.41
N THR A 12 -3.30 -1.62 -0.05
CA THR A 12 -4.47 -1.88 0.82
C THR A 12 -5.71 -1.25 0.11
N THR A 13 -5.91 0.08 0.17
CA THR A 13 -7.06 0.78 -0.48
C THR A 13 -6.53 1.69 -1.64
N ALA A 14 -6.01 2.91 -1.34
CA ALA A 14 -5.50 3.84 -2.37
C ALA A 14 -4.01 3.62 -2.71
C ACE A 1 1.91 7.99 1.50
O ACE A 1 2.32 7.88 0.33
CH3 ACE A 1 1.42 9.33 2.02
H1 ACE A 1 2.04 9.68 2.88
H2 ACE A 1 1.49 10.11 1.24
H3 ACE A 1 0.37 9.28 2.35
N ILE A 2 1.88 6.98 2.39
CA ILE A 2 2.31 5.59 2.08
C ILE A 2 1.24 4.68 2.76
N TRP A 3 0.36 3.99 2.00
CA TRP A 3 -0.67 3.07 2.59
C TRP A 3 -0.05 1.67 2.81
N GLY A 4 0.65 1.56 3.95
CA GLY A 4 1.35 0.32 4.37
C GLY A 4 2.80 0.23 3.86
N SET A 5 2.95 -0.13 2.58
CA SET A 5 4.26 -0.28 1.90
CB SET A 5 4.73 1.03 1.18
OG SET A 5 3.95 1.65 0.44
NT SET A 5 3.17 -1.49 -0.10
C SET A 5 4.25 -1.51 0.93
H SET A 5 2.06 -0.26 2.07
HA SET A 5 5.01 -0.54 2.68
HB2 SET A 5 5.22 -1.60 0.43
HB3 SET A 5 4.16 -2.43 1.55
HNT2 SET A 5 2.66 -0.64 -0.32
N SER A 6 6.00 1.41 1.37
CA SER A 6 6.61 2.61 0.74
C SER A 6 7.11 2.25 -0.70
N GLY A 7 6.80 3.11 -1.69
CA GLY A 7 7.18 2.87 -3.10
C GLY A 7 5.96 2.39 -3.91
N LYS A 8 5.49 1.16 -3.63
CA LYS A 8 4.29 0.56 -4.27
C LYS A 8 3.08 1.06 -3.42
N LEU A 9 2.50 2.18 -3.88
CA LEU A 9 1.37 2.85 -3.19
C LEU A 9 -0.01 2.12 -3.17
N ILE A 10 -0.37 1.24 -4.13
CA ILE A 10 -1.69 0.53 -4.13
C ILE A 10 -1.64 -0.86 -3.42
N GLU A 11 -1.32 -0.85 -2.10
CA GLU A 11 -1.25 -2.08 -1.26
C GLU A 11 -2.47 -2.29 -0.29
N THR A 12 -3.29 -1.26 0.04
CA THR A 12 -4.46 -1.38 0.95
C THR A 12 -5.64 -0.63 0.26
N THR A 13 -5.68 0.72 0.28
CA THR A 13 -6.76 1.52 -0.36
C THR A 13 -6.14 2.45 -1.45
N ALA A 14 -5.55 3.61 -1.08
CA ALA A 14 -4.95 4.56 -2.04
C ALA A 14 -3.43 4.31 -2.19
C ACE A 1 -4.11 -0.62 6.25
O ACE A 1 -4.24 0.02 5.20
CH3 ACE A 1 -5.32 -0.89 7.13
H1 ACE A 1 -5.51 -1.98 7.21
H2 ACE A 1 -5.18 -0.49 8.15
H3 ACE A 1 -6.23 -0.44 6.71
N ILE A 2 -2.94 -1.09 6.71
CA ILE A 2 -1.65 -0.90 5.97
C ILE A 2 -1.34 -2.28 5.31
N TRP A 3 -1.81 -2.46 4.07
CA TRP A 3 -1.63 -3.72 3.28
C TRP A 3 -0.28 -3.90 2.53
N GLY A 4 0.27 -2.81 1.99
CA GLY A 4 1.55 -2.80 1.27
C GLY A 4 1.85 -1.38 0.75
N SET A 5 2.27 -0.47 1.65
CA SET A 5 2.57 0.94 1.30
CB SET A 5 4.09 1.22 1.54
OG SET A 5 4.54 1.39 2.67
NT SET A 5 0.25 2.07 1.93
C SET A 5 1.72 1.93 2.17
H SET A 5 2.34 -0.82 2.62
HA SET A 5 2.36 1.09 0.21
HB2 SET A 5 1.89 1.72 3.24
HB3 SET A 5 2.13 2.95 2.04
HNT2 SET A 5 -0.14 2.94 1.54
N SER A 6 4.85 1.26 0.43
CA SER A 6 6.33 1.52 0.44
C SER A 6 6.79 1.60 -1.05
N GLY A 7 7.12 2.80 -1.57
CA GLY A 7 7.54 2.97 -2.99
C GLY A 7 6.33 2.97 -3.95
N LYS A 8 5.85 1.75 -4.24
CA LYS A 8 4.66 1.51 -5.08
C LYS A 8 3.51 1.40 -4.03
N LEU A 9 2.77 2.51 -3.88
CA LEU A 9 1.67 2.63 -2.89
C LEU A 9 0.40 1.81 -3.31
N ILE A 10 0.26 0.62 -2.72
CA ILE A 10 -0.89 -0.30 -2.95
C ILE A 10 -1.48 -0.65 -1.55
N GLU A 11 -2.26 0.28 -0.98
CA GLU A 11 -2.89 0.13 0.36
C GLU A 11 -4.30 -0.56 0.33
N THR A 12 -4.43 -1.67 -0.42
CA THR A 12 -5.68 -2.47 -0.58
C THR A 12 -5.23 -3.94 -0.78
N THR A 13 -4.69 -4.30 -1.98
CA THR A 13 -4.21 -5.68 -2.26
C THR A 13 -2.72 -5.78 -1.78
N ALA A 14 -2.45 -6.72 -0.84
CA ALA A 14 -1.09 -6.92 -0.29
C ALA A 14 -0.14 -7.66 -1.25
C ACE A 1 -4.45 -0.84 5.67
O ACE A 1 -4.49 -0.06 4.72
CH3 ACE A 1 -5.72 -1.18 6.44
H1 ACE A 1 -5.62 -0.91 7.51
H2 ACE A 1 -6.59 -0.62 6.04
H3 ACE A 1 -5.95 -2.26 6.38
N ILE A 2 -3.33 -1.44 6.10
CA ILE A 2 -2.00 -1.23 5.46
C ILE A 2 -1.67 -2.55 4.69
N TRP A 3 -2.08 -2.61 3.41
CA TRP A 3 -1.84 -3.80 2.53
C TRP A 3 -0.40 -3.95 1.93
N GLY A 4 0.26 -2.84 1.62
CA GLY A 4 1.62 -2.80 1.07
C GLY A 4 1.93 -1.37 0.62
N SET A 5 2.30 -0.48 1.57
CA SET A 5 2.59 0.94 1.27
CB SET A 5 4.10 1.23 1.52
OG SET A 5 4.54 1.40 2.67
NT SET A 5 0.27 2.10 1.82
C SET A 5 1.71 1.89 2.15
H SET A 5 2.30 -0.85 2.52
HA SET A 5 2.39 1.13 0.19
HB2 SET A 5 1.81 1.61 3.22
HB3 SET A 5 2.15 2.91 2.12
HNT2 SET A 5 -0.08 3.03 1.54
N SER A 6 4.88 1.27 0.43
CA SER A 6 6.35 1.54 0.45
C SER A 6 6.81 1.63 -1.03
N GLY A 7 7.12 2.84 -1.55
CA GLY A 7 7.55 3.00 -2.98
C GLY A 7 6.33 2.97 -3.94
N LYS A 8 5.87 1.75 -4.22
CA LYS A 8 4.68 1.47 -5.04
C LYS A 8 3.52 1.36 -4.00
N LEU A 9 2.78 2.48 -3.85
CA LEU A 9 1.67 2.59 -2.88
C LEU A 9 0.42 1.78 -3.33
N ILE A 10 0.22 0.61 -2.70
CA ILE A 10 -0.92 -0.30 -2.97
C ILE A 10 -1.63 -0.57 -1.60
N GLU A 11 -2.38 0.43 -1.12
CA GLU A 11 -3.13 0.38 0.17
C GLU A 11 -4.64 0.01 -0.07
N THR A 12 -4.92 -1.14 -0.74
CA THR A 12 -6.30 -1.61 -1.06
C THR A 12 -6.26 -3.17 -1.12
N THR A 13 -5.62 -3.78 -2.15
CA THR A 13 -5.51 -5.26 -2.27
C THR A 13 -4.12 -5.50 -2.94
N ALA A 14 -3.12 -5.89 -2.11
CA ALA A 14 -1.75 -6.16 -2.58
C ALA A 14 -1.55 -7.67 -2.88
C ACE A 1 -4.94 -3.94 6.53
O ACE A 1 -4.80 -2.72 6.40
CH3 ACE A 1 -6.33 -4.54 6.71
H1 ACE A 1 -7.11 -3.76 6.68
H2 ACE A 1 -6.57 -5.27 5.92
H3 ACE A 1 -6.43 -5.05 7.69
N ILE A 2 -3.93 -4.82 6.51
CA ILE A 2 -2.51 -4.41 6.33
C ILE A 2 -2.19 -4.73 4.84
N TRP A 3 -2.24 -3.69 3.99
CA TRP A 3 -2.02 -3.82 2.52
C TRP A 3 -0.56 -3.77 2.00
N GLY A 4 0.29 -2.93 2.61
CA GLY A 4 1.71 -2.77 2.22
C GLY A 4 1.93 -1.54 1.32
N SET A 5 2.24 -0.39 1.94
CA SET A 5 2.47 0.89 1.23
CB SET A 5 3.97 1.28 1.43
OG SET A 5 4.39 1.61 2.54
NT SET A 5 0.15 2.18 1.32
C SET A 5 1.56 2.02 1.79
H SET A 5 2.27 -0.46 2.97
HA SET A 5 2.29 0.73 0.14
HB2 SET A 5 1.57 2.00 2.90
HB3 SET A 5 2.02 3.00 1.57
HNT2 SET A 5 -0.16 3.08 0.93
N SER A 6 4.76 1.24 0.34
CA SER A 6 6.22 1.58 0.35
C SER A 6 6.74 1.61 -1.11
N GLY A 7 7.13 2.79 -1.64
CA GLY A 7 7.61 2.93 -3.04
C GLY A 7 6.41 3.02 -4.01
N LYS A 8 5.87 1.83 -4.33
CA LYS A 8 4.65 1.67 -5.16
C LYS A 8 3.56 1.41 -4.09
N LEU A 9 2.86 2.49 -3.69
CA LEU A 9 1.82 2.44 -2.63
C LEU A 9 0.52 1.71 -3.11
N ILE A 10 0.35 0.46 -2.66
CA ILE A 10 -0.83 -0.38 -2.98
C ILE A 10 -1.70 -0.46 -1.69
N GLU A 11 -2.47 0.61 -1.43
CA GLU A 11 -3.36 0.72 -0.24
C GLU A 11 -4.85 0.50 -0.67
N THR A 12 -5.23 -0.72 -1.14
CA THR A 12 -6.62 -1.04 -1.59
C THR A 12 -6.89 -2.51 -1.17
N THR A 13 -6.38 -3.52 -1.92
CA THR A 13 -6.57 -4.96 -1.61
C THR A 13 -5.26 -5.67 -2.04
N ALA A 14 -4.37 -5.97 -1.07
CA ALA A 14 -3.08 -6.65 -1.33
C ALA A 14 -2.70 -7.49 -0.10
C ACE A 1 -5.81 -0.29 3.29
O ACE A 1 -5.28 0.73 2.84
CH3 ACE A 1 -7.28 -0.57 3.07
H1 ACE A 1 -7.74 0.23 2.46
H2 ACE A 1 -7.44 -1.53 2.53
H3 ACE A 1 -7.84 -0.62 4.03
N ILE A 2 -5.15 -1.21 4.01
CA ILE A 2 -3.69 -1.12 4.32
C ILE A 2 -3.11 -2.49 3.85
N TRP A 3 -2.58 -2.55 2.62
CA TRP A 3 -1.98 -3.80 2.05
C TRP A 3 -0.55 -3.52 1.50
N GLY A 4 0.36 -3.11 2.39
CA GLY A 4 1.77 -2.81 2.03
C GLY A 4 2.00 -1.51 1.22
N SET A 5 2.27 -0.40 1.93
CA SET A 5 2.51 0.93 1.30
CB SET A 5 4.02 1.28 1.48
OG SET A 5 4.47 1.57 2.59
NT SET A 5 0.24 2.27 1.51
C SET A 5 1.64 2.05 1.94
H SET A 5 2.27 -0.52 2.95
HA SET A 5 2.31 0.84 0.20
HB2 SET A 5 1.66 1.96 3.05
HB3 SET A 5 2.13 3.03 1.78
HNT2 SET A 5 -0.05 3.18 1.11
N SER A 6 4.80 1.24 0.38
CA SER A 6 6.27 1.54 0.37
C SER A 6 6.74 1.59 -1.11
N GLY A 7 7.14 2.77 -1.62
CA GLY A 7 7.59 2.93 -3.04
C GLY A 7 6.39 3.02 -3.99
N LYS A 8 5.85 1.83 -4.33
CA LYS A 8 4.64 1.66 -5.16
C LYS A 8 3.54 1.42 -4.09
N LEU A 9 2.84 2.50 -3.71
CA LEU A 9 1.78 2.46 -2.67
C LEU A 9 0.48 1.73 -3.17
N ILE A 10 0.32 0.48 -2.71
CA ILE A 10 -0.86 -0.37 -3.03
C ILE A 10 -1.68 -0.51 -1.71
N GLU A 11 -2.39 0.57 -1.34
CA GLU A 11 -3.20 0.66 -0.09
C GLU A 11 -4.71 0.28 -0.33
N THR A 12 -4.99 -0.94 -0.82
CA THR A 12 -6.38 -1.43 -1.09
C THR A 12 -6.33 -2.97 -0.86
N THR A 13 -5.89 -3.75 -1.88
CA THR A 13 -5.78 -5.24 -1.79
C THR A 13 -4.64 -5.62 -2.77
N ALA A 14 -3.49 -6.06 -2.24
CA ALA A 14 -2.31 -6.45 -3.06
C ALA A 14 -2.32 -7.96 -3.39
C ACE A 1 -4.66 -5.22 5.92
O ACE A 1 -4.61 -3.99 6.02
CH3 ACE A 1 -6.00 -5.93 5.93
H1 ACE A 1 -6.16 -6.52 5.00
H2 ACE A 1 -6.09 -6.63 6.79
H3 ACE A 1 -6.84 -5.22 6.00
N ILE A 2 -3.58 -6.01 5.80
CA ILE A 2 -2.18 -5.47 5.76
C ILE A 2 -1.79 -5.50 4.25
N TRP A 3 -1.90 -4.34 3.60
CA TRP A 3 -1.60 -4.19 2.14
C TRP A 3 -0.12 -3.99 1.73
N GLY A 4 0.65 -3.22 2.50
CA GLY A 4 2.08 -2.95 2.23
C GLY A 4 2.32 -1.71 1.35
N SET A 5 2.32 -0.52 1.97
CA SET A 5 2.53 0.77 1.27
CB SET A 5 4.02 1.21 1.48
OG SET A 5 4.43 1.53 2.60
NT SET A 5 0.18 2.00 1.42
C SET A 5 1.61 1.89 1.85
H SET A 5 2.10 -0.56 2.98
HA SET A 5 2.35 0.62 0.18
HB2 SET A 5 1.65 1.89 2.95
HB3 SET A 5 2.04 2.87 1.60
HNT2 SET A 5 -0.16 2.89 1.02
N SER A 6 4.82 1.20 0.39
CA SER A 6 6.26 1.58 0.41
C SER A 6 6.76 1.65 -1.06
N GLY A 7 7.06 2.86 -1.59
CA GLY A 7 7.50 3.03 -3.00
C GLY A 7 6.31 2.98 -3.97
N LYS A 8 5.88 1.75 -4.27
CA LYS A 8 4.70 1.47 -5.11
C LYS A 8 3.54 1.37 -4.08
N LEU A 9 2.81 2.49 -3.94
CA LEU A 9 1.69 2.63 -2.97
C LEU A 9 0.46 1.76 -3.35
N ILE A 10 0.32 0.61 -2.67
CA ILE A 10 -0.79 -0.35 -2.87
C ILE A 10 -1.54 -0.42 -1.50
N GLU A 11 -2.53 0.48 -1.32
CA GLU A 11 -3.34 0.57 -0.08
C GLU A 11 -4.87 0.35 -0.38
N THR A 12 -5.24 -0.76 -1.07
CA THR A 12 -6.65 -1.08 -1.43
C THR A 12 -6.79 -2.63 -1.39
N THR A 13 -6.25 -3.37 -2.38
CA THR A 13 -6.31 -4.85 -2.42
C THR A 13 -4.94 -5.31 -3.03
N ALA A 14 -4.02 -5.77 -2.17
CA ALA A 14 -2.68 -6.25 -2.59
C ALA A 14 -2.68 -7.78 -2.74
C ACE A 1 -5.29 1.90 4.68
O ACE A 1 -4.95 2.44 3.63
CH3 ACE A 1 -6.75 1.92 5.12
H1 ACE A 1 -6.87 2.43 6.09
H2 ACE A 1 -7.38 2.45 4.39
H3 ACE A 1 -7.16 0.89 5.23
N ILE A 2 -4.45 1.27 5.51
CA ILE A 2 -2.98 1.14 5.25
C ILE A 2 -2.69 -0.39 5.26
N TRP A 3 -2.54 -0.99 4.07
CA TRP A 3 -2.24 -2.44 3.91
C TRP A 3 -1.00 -2.61 2.99
N GLY A 4 0.19 -2.35 3.57
CA GLY A 4 1.48 -2.47 2.86
C GLY A 4 1.76 -1.46 1.73
N SET A 5 2.27 -0.27 2.09
CA SET A 5 2.61 0.78 1.10
CB SET A 5 4.08 1.25 1.37
OG SET A 5 4.39 1.73 2.46
NT SET A 5 0.26 2.02 0.75
C SET A 5 1.67 2.05 1.21
H SET A 5 2.39 -0.14 3.09
HA SET A 5 2.59 0.34 0.08
HB2 SET A 5 1.71 2.44 2.25
HB3 SET A 5 2.14 2.86 0.63
HNT2 SET A 5 -0.01 2.55 -0.10
N SER A 6 4.96 1.11 0.36
CA SER A 6 6.39 1.51 0.45
C SER A 6 6.91 1.60 -1.01
N GLY A 7 7.11 2.82 -1.55
CA GLY A 7 7.55 3.00 -2.95
C GLY A 7 6.35 2.98 -3.92
N LYS A 8 5.84 1.75 -4.18
CA LYS A 8 4.65 1.50 -5.01
C LYS A 8 3.47 1.43 -4.00
N LEU A 9 2.73 2.54 -3.89
CA LEU A 9 1.57 2.67 -2.96
C LEU A 9 0.37 1.80 -3.43
N ILE A 10 0.17 0.67 -2.72
CA ILE A 10 -0.91 -0.31 -3.00
C ILE A 10 -1.47 -0.75 -1.61
N GLU A 11 -2.41 0.03 -1.04
CA GLU A 11 -3.01 -0.27 0.29
C GLU A 11 -4.29 -1.18 0.15
N THR A 12 -4.13 -2.45 -0.29
CA THR A 12 -5.28 -3.39 -0.46
C THR A 12 -4.98 -4.69 0.33
N THR A 13 -4.13 -5.60 -0.20
CA THR A 13 -3.76 -6.87 0.48
C THR A 13 -2.24 -7.09 0.24
N ALA A 14 -1.40 -6.61 1.18
CA ALA A 14 0.08 -6.73 1.09
C ALA A 14 0.67 -6.80 2.51
C ACE A 1 -5.14 2.41 4.57
O ACE A 1 -4.78 2.84 3.47
CH3 ACE A 1 -6.60 2.51 5.01
H1 ACE A 1 -6.71 3.13 5.91
H2 ACE A 1 -7.21 2.98 4.22
H3 ACE A 1 -7.04 1.52 5.21
N ILE A 2 -4.32 1.84 5.46
CA ILE A 2 -2.86 1.64 5.23
C ILE A 2 -2.63 0.10 5.36
N TRP A 3 -2.65 -0.62 4.22
CA TRP A 3 -2.40 -2.09 4.18
C TRP A 3 -1.17 -2.38 3.28
N GLY A 4 0.01 -2.02 3.84
CA GLY A 4 1.31 -2.22 3.17
C GLY A 4 1.61 -1.30 1.96
N SET A 5 2.27 -0.16 2.20
CA SET A 5 2.64 0.80 1.13
CB SET A 5 4.11 1.25 1.38
OG SET A 5 4.43 1.82 2.42
NT SET A 5 0.32 2.03 0.67
C SET A 5 1.74 2.08 1.12
H SET A 5 2.49 0.01 3.20
HA SET A 5 2.62 0.25 0.16
HB2 SET A 5 1.79 2.57 2.11
HB3 SET A 5 2.23 2.82 0.45
HNT2 SET A 5 0.05 2.48 -0.23
N SER A 6 5.00 1.02 0.39
CA SER A 6 6.44 1.40 0.45
C SER A 6 6.93 1.54 -1.02
N GLY A 7 7.10 2.79 -1.52
CA GLY A 7 7.52 3.03 -2.92
C GLY A 7 6.32 3.02 -3.89
N LYS A 8 5.83 1.80 -4.18
CA LYS A 8 4.64 1.55 -5.03
C LYS A 8 3.46 1.46 -4.03
N LEU A 9 2.70 2.57 -3.95
CA LEU A 9 1.53 2.69 -3.03
C LEU A 9 0.35 1.78 -3.49
N ILE A 10 0.16 0.66 -2.76
CA ILE A 10 -0.91 -0.34 -3.01
C ILE A 10 -1.44 -0.75 -1.60
N GLU A 11 -2.37 0.06 -1.04
CA GLU A 11 -2.95 -0.20 0.31
C GLU A 11 -4.22 -1.11 0.22
N THR A 12 -4.09 -2.41 -0.20
CA THR A 12 -5.25 -3.34 -0.33
C THR A 12 -5.18 -4.41 0.79
N THR A 13 -4.34 -5.46 0.67
CA THR A 13 -4.20 -6.53 1.68
C THR A 13 -2.70 -6.98 1.69
N ALA A 14 -2.04 -6.81 2.84
CA ALA A 14 -0.62 -7.19 3.03
C ALA A 14 -0.44 -7.85 4.42
C ACE A 1 -4.83 2.68 5.13
O ACE A 1 -4.65 2.67 3.92
CH3 ACE A 1 -6.21 2.96 5.72
H1 ACE A 1 -6.93 3.19 4.93
H2 ACE A 1 -6.60 2.09 6.28
H3 ACE A 1 -6.18 3.83 6.41
N ILE A 2 -3.86 2.44 6.03
CA ILE A 2 -2.45 2.13 5.64
C ILE A 2 -2.28 0.60 5.86
N TRP A 3 -2.55 -0.18 4.80
CA TRP A 3 -2.46 -1.67 4.83
C TRP A 3 -1.13 -2.33 4.34
N GLY A 4 -0.14 -1.55 3.89
CA GLY A 4 1.16 -2.04 3.39
C GLY A 4 1.56 -1.28 2.12
N SET A 5 2.21 -0.12 2.28
CA SET A 5 2.65 0.74 1.15
CB SET A 5 4.11 1.20 1.40
OG SET A 5 4.45 1.72 2.46
NT SET A 5 0.30 1.95 0.67
C SET A 5 1.75 2.03 1.02
H SET A 5 2.34 0.17 3.27
HA SET A 5 2.63 0.12 0.23
HB2 SET A 5 1.85 2.64 1.95
HB3 SET A 5 2.21 2.67 0.25
HNT2 SET A 5 -0.03 2.26 -0.26
N SER A 6 4.98 1.01 0.38
CA SER A 6 6.42 1.41 0.44
C SER A 6 6.91 1.53 -1.02
N GLY A 7 7.10 2.77 -1.53
CA GLY A 7 7.54 3.00 -2.93
C GLY A 7 6.33 3.01 -3.90
N LYS A 8 5.82 1.81 -4.21
CA LYS A 8 4.64 1.61 -5.06
C LYS A 8 3.44 1.51 -4.07
N LEU A 9 2.68 2.61 -3.98
CA LEU A 9 1.51 2.72 -3.06
C LEU A 9 0.34 1.78 -3.48
N ILE A 10 0.19 0.66 -2.75
CA ILE A 10 -0.86 -0.35 -2.97
C ILE A 10 -1.35 -0.79 -1.54
N GLU A 11 -2.28 -0.03 -0.94
CA GLU A 11 -2.82 -0.32 0.42
C GLU A 11 -4.05 -1.30 0.31
N THR A 12 -3.83 -2.61 0.05
CA THR A 12 -4.95 -3.60 -0.08
C THR A 12 -5.33 -4.18 1.32
N THR A 13 -4.61 -5.19 1.85
CA THR A 13 -4.91 -5.82 3.16
C THR A 13 -3.56 -6.28 3.81
N ALA A 14 -3.40 -6.01 5.11
CA ALA A 14 -2.18 -6.39 5.87
C ALA A 14 -2.20 -7.87 6.30
C ACE A 1 -3.60 7.29 3.71
O ACE A 1 -2.68 8.09 3.86
CH3 ACE A 1 -4.94 7.75 3.14
H1 ACE A 1 -5.00 8.85 3.12
H2 ACE A 1 -5.07 7.39 2.10
H3 ACE A 1 -5.79 7.38 3.74
N ILE A 2 -3.52 5.98 4.03
CA ILE A 2 -2.30 5.35 4.59
C ILE A 2 -2.16 3.97 3.89
N TRP A 3 -1.14 3.80 3.01
CA TRP A 3 -0.90 2.52 2.27
C TRP A 3 -0.08 1.41 3.01
N GLY A 4 0.74 1.77 4.00
CA GLY A 4 1.58 0.81 4.77
C GLY A 4 3.00 0.67 4.20
N SET A 5 3.11 -0.10 3.10
CA SET A 5 4.40 -0.35 2.41
CB SET A 5 4.73 0.80 1.39
OG SET A 5 3.92 1.14 0.53
NT SET A 5 3.36 -2.15 0.84
C SET A 5 4.45 -1.77 1.77
H SET A 5 2.22 -0.44 2.74
HA SET A 5 5.19 -0.38 3.19
HB2 SET A 5 5.41 -1.90 1.25
HB3 SET A 5 4.53 -2.52 2.60
HNT2 SET A 5 3.41 -1.92 -0.16
N SER A 6 5.94 1.37 1.53
CA SER A 6 6.42 2.49 0.66
C SER A 6 6.89 2.03 -0.75
N GLY A 7 6.82 2.97 -1.73
CA GLY A 7 7.21 2.69 -3.13
C GLY A 7 5.97 2.41 -4.00
N LYS A 8 5.38 1.22 -3.80
CA LYS A 8 4.15 0.78 -4.50
C LYS A 8 2.95 1.29 -3.65
N LEU A 9 2.40 2.44 -4.06
CA LEU A 9 1.24 3.08 -3.36
C LEU A 9 -0.15 2.51 -3.83
N ILE A 10 -0.27 1.18 -3.71
CA ILE A 10 -1.46 0.35 -4.04
C ILE A 10 -1.11 -1.04 -3.40
N GLU A 11 -1.15 -1.12 -2.05
CA GLU A 11 -0.79 -2.34 -1.29
C GLU A 11 -1.98 -3.06 -0.57
N THR A 12 -2.79 -2.42 0.32
CA THR A 12 -3.92 -3.10 1.04
C THR A 12 -4.91 -1.98 1.51
N THR A 13 -4.61 -1.26 2.61
CA THR A 13 -5.49 -0.18 3.17
C THR A 13 -5.36 1.13 2.32
N ALA A 14 -6.50 1.74 1.95
CA ALA A 14 -6.51 2.99 1.13
C ALA A 14 -5.83 4.21 1.80
C ACE A 1 -5.17 4.83 5.67
O ACE A 1 -4.62 5.87 6.03
CH3 ACE A 1 -6.65 4.81 5.33
H1 ACE A 1 -7.24 4.35 6.15
H2 ACE A 1 -7.04 5.83 5.18
H3 ACE A 1 -6.86 4.25 4.41
N ILE A 2 -4.54 3.65 5.56
CA ILE A 2 -3.10 3.45 5.83
C ILE A 2 -2.55 2.46 4.76
N TRP A 3 -1.59 2.91 3.91
CA TRP A 3 -0.99 2.03 2.86
C TRP A 3 0.02 0.94 3.38
N GLY A 4 0.80 1.26 4.41
CA GLY A 4 1.79 0.33 5.02
C GLY A 4 3.19 0.37 4.39
N SET A 5 3.30 -0.26 3.20
CA SET A 5 4.56 -0.37 2.44
CB SET A 5 4.82 0.86 1.50
OG SET A 5 3.94 1.26 0.72
NT SET A 5 3.54 -2.02 0.70
C SET A 5 4.62 -1.73 1.67
H SET A 5 2.40 -0.59 2.84
HA SET A 5 5.39 -0.43 3.17
HB2 SET A 5 5.59 -1.79 1.12
HB3 SET A 5 4.71 -2.55 2.40
HNT2 SET A 5 3.59 -1.74 -0.28
N SER A 6 6.05 1.41 1.56
CA SER A 6 6.46 2.57 0.73
C SER A 6 6.96 2.13 -0.68
N GLY A 7 6.77 3.00 -1.69
CA GLY A 7 7.17 2.70 -3.09
C GLY A 7 5.95 2.35 -3.95
N LYS A 8 5.36 1.17 -3.71
CA LYS A 8 4.14 0.70 -4.42
C LYS A 8 2.93 1.27 -3.65
N LEU A 9 2.39 2.39 -4.17
CA LEU A 9 1.23 3.10 -3.56
C LEU A 9 -0.12 2.31 -3.48
N ILE A 10 -0.37 1.23 -4.27
CA ILE A 10 -1.62 0.43 -4.18
C ILE A 10 -1.30 -0.88 -3.40
N GLU A 11 -1.14 -0.77 -2.05
CA GLU A 11 -0.78 -1.91 -1.17
C GLU A 11 -1.85 -2.35 -0.11
N THR A 12 -2.55 -1.46 0.64
CA THR A 12 -3.53 -1.88 1.69
C THR A 12 -4.84 -1.04 1.57
N THR A 13 -4.93 0.16 2.20
CA THR A 13 -6.15 1.01 2.18
C THR A 13 -5.79 2.49 1.89
N ALA A 14 -6.63 3.18 1.10
CA ALA A 14 -6.44 4.61 0.72
C ALA A 14 -6.85 5.59 1.84
C ACE A 1 -4.61 6.46 4.71
O ACE A 1 -3.87 7.44 4.87
CH3 ACE A 1 -6.09 6.65 4.45
H1 ACE A 1 -6.69 6.42 5.34
H2 ACE A 1 -6.31 7.70 4.16
H3 ACE A 1 -6.44 6.01 3.62
N ILE A 2 -4.19 5.18 4.77
CA ILE A 2 -2.78 4.79 5.01
C ILE A 2 -2.49 3.57 4.08
N TRP A 3 -1.54 3.72 3.12
CA TRP A 3 -1.17 2.61 2.19
C TRP A 3 -0.34 1.44 2.80
N GLY A 4 0.52 1.71 3.78
CA GLY A 4 1.37 0.68 4.44
C GLY A 4 2.78 0.55 3.82
N SET A 5 2.84 -0.10 2.64
CA SET A 5 4.11 -0.34 1.89
CB SET A 5 4.58 0.93 1.11
OG SET A 5 3.84 1.49 0.30
NT SET A 5 2.86 -1.57 0.01
C SET A 5 3.99 -1.59 0.98
H SET A 5 1.91 -0.35 2.27
HA SET A 5 4.87 -0.62 2.65
HB2 SET A 5 4.94 -1.74 0.42
HB3 SET A 5 3.91 -2.48 1.64
HNT2 SET A 5 2.34 -0.72 -0.17
N SER A 6 5.84 1.35 1.35
CA SER A 6 6.45 2.53 0.68
C SER A 6 6.98 2.16 -0.74
N GLY A 7 6.82 3.09 -1.70
CA GLY A 7 7.24 2.86 -3.11
C GLY A 7 6.02 2.46 -3.97
N LYS A 8 5.52 1.23 -3.76
CA LYS A 8 4.33 0.69 -4.45
C LYS A 8 3.11 1.13 -3.58
N LEU A 9 2.56 2.31 -3.90
CA LEU A 9 1.42 2.90 -3.16
C LEU A 9 0.01 2.40 -3.63
N ILE A 10 -0.20 1.08 -3.54
CA ILE A 10 -1.46 0.38 -3.90
C ILE A 10 -1.51 -0.95 -3.08
N GLU A 11 -1.61 -0.84 -1.73
CA GLU A 11 -1.63 -2.02 -0.82
C GLU A 11 -2.70 -2.06 0.32
N THR A 12 -3.33 -0.95 0.80
CA THR A 12 -4.32 -1.00 1.91
C THR A 12 -5.45 0.03 1.65
N THR A 13 -5.29 1.32 2.02
CA THR A 13 -6.35 2.37 1.85
C THR A 13 -5.72 3.70 1.32
N ALA A 14 -6.49 4.42 0.46
CA ALA A 14 -6.05 5.71 -0.13
C ALA A 14 -6.19 6.89 0.84
C ACE A 1 -2.58 8.10 3.31
O ACE A 1 -1.53 8.69 3.07
CH3 ACE A 1 -3.92 8.78 3.06
H1 ACE A 1 -3.79 9.80 2.70
H2 ACE A 1 -4.50 8.23 2.28
H3 ACE A 1 -4.54 8.82 3.97
N ILE A 2 -2.65 6.86 3.82
CA ILE A 2 -1.47 6.03 4.15
C ILE A 2 -1.77 4.60 3.62
N TRP A 3 -1.09 4.17 2.53
CA TRP A 3 -1.28 2.80 1.94
C TRP A 3 -0.58 1.60 2.66
N GLY A 4 0.43 1.86 3.50
CA GLY A 4 1.18 0.83 4.24
C GLY A 4 2.62 0.67 3.71
N SET A 5 2.76 -0.03 2.58
CA SET A 5 4.07 -0.28 1.92
CB SET A 5 4.60 0.96 1.12
OG SET A 5 3.87 1.53 0.30
NT SET A 5 2.94 -1.57 0.00
C SET A 5 4.02 -1.56 1.02
H SET A 5 1.87 -0.38 2.18
HA SET A 5 4.79 -0.53 2.73
HB2 SET A 5 4.99 -1.71 0.53
HB3 SET A 5 3.90 -2.43 1.70
HNT2 SET A 5 2.38 -0.74 -0.19
N SER A 6 5.86 1.35 1.36
CA SER A 6 6.52 2.50 0.69
C SER A 6 7.00 2.12 -0.74
N GLY A 7 6.87 3.05 -1.70
CA GLY A 7 7.26 2.81 -3.12
C GLY A 7 6.02 2.46 -3.96
N LYS A 8 5.51 1.22 -3.79
CA LYS A 8 4.29 0.74 -4.49
C LYS A 8 3.09 1.15 -3.58
N LEU A 9 2.53 2.34 -3.86
CA LEU A 9 1.38 2.90 -3.09
C LEU A 9 -0.01 2.41 -3.60
N ILE A 10 -0.23 1.09 -3.47
CA ILE A 10 -1.48 0.38 -3.87
C ILE A 10 -1.37 -1.05 -3.22
N GLU A 11 -1.56 -1.13 -1.88
CA GLU A 11 -1.44 -2.43 -1.14
C GLU A 11 -2.63 -2.83 -0.20
N THR A 12 -3.37 -1.94 0.51
CA THR A 12 -4.48 -2.34 1.42
C THR A 12 -5.59 -1.25 1.30
N THR A 13 -5.51 -0.15 2.09
CA THR A 13 -6.53 0.94 2.08
C THR A 13 -5.80 2.27 2.43
N ALA A 14 -6.13 3.35 1.69
CA ALA A 14 -5.53 4.70 1.93
C ALA A 14 -6.12 5.38 3.18
C ACE A 1 -4.63 6.46 4.63
O ACE A 1 -3.89 7.42 4.83
CH3 ACE A 1 -6.11 6.68 4.32
H1 ACE A 1 -6.30 7.72 3.99
H2 ACE A 1 -6.47 6.01 3.51
H3 ACE A 1 -6.74 6.50 5.21
N ILE A 2 -4.25 5.18 4.69
CA ILE A 2 -2.86 4.76 4.99
C ILE A 2 -2.55 3.54 4.05
N TRP A 3 -1.58 3.68 3.11
CA TRP A 3 -1.20 2.58 2.18
C TRP A 3 -0.36 1.41 2.80
N GLY A 4 0.51 1.69 3.77
CA GLY A 4 1.35 0.67 4.44
C GLY A 4 2.77 0.54 3.82
N SET A 5 2.83 -0.10 2.65
CA SET A 5 4.11 -0.33 1.90
CB SET A 5 4.59 0.93 1.12
OG SET A 5 3.84 1.49 0.31
NT SET A 5 2.87 -1.57 0.01
C SET A 5 4.00 -1.58 0.98
H SET A 5 1.92 -0.36 2.26
HA SET A 5 4.87 -0.61 2.65
HB2 SET A 5 4.95 -1.73 0.43
HB3 SET A 5 3.92 -2.48 1.63
HNT2 SET A 5 2.34 -0.70 -0.17
N SER A 6 5.84 1.35 1.35
CA SER A 6 6.47 2.53 0.68
C SER A 6 6.98 2.15 -0.74
N GLY A 7 6.83 3.08 -1.70
CA GLY A 7 7.24 2.85 -3.11
C GLY A 7 6.02 2.46 -3.97
N LYS A 8 5.52 1.23 -3.76
CA LYS A 8 4.32 0.70 -4.45
C LYS A 8 3.11 1.13 -3.58
N LEU A 9 2.55 2.31 -3.91
CA LEU A 9 1.40 2.90 -3.17
C LEU A 9 0.01 2.40 -3.65
N ILE A 10 -0.20 1.08 -3.54
CA ILE A 10 -1.46 0.38 -3.90
C ILE A 10 -1.51 -0.95 -3.08
N GLU A 11 -1.61 -0.84 -1.73
CA GLU A 11 -1.62 -2.02 -0.82
C GLU A 11 -2.70 -2.07 0.31
N THR A 12 -3.32 -0.98 0.81
CA THR A 12 -4.31 -1.04 1.92
C THR A 12 -5.47 -0.02 1.66
N THR A 13 -5.32 1.27 2.01
CA THR A 13 -6.39 2.31 1.85
C THR A 13 -5.79 3.64 1.28
N ALA A 14 -6.58 4.31 0.41
CA ALA A 14 -6.17 5.59 -0.21
C ALA A 14 -6.34 6.81 0.72
C ACE A 1 -6.43 5.80 2.14
O ACE A 1 -5.77 6.83 2.30
CH3 ACE A 1 -7.75 5.83 1.39
H1 ACE A 1 -7.74 5.17 0.50
H2 ACE A 1 -8.59 5.50 2.05
H3 ACE A 1 -7.99 6.85 1.04
N ILE A 2 -6.05 4.59 2.60
CA ILE A 2 -4.78 4.35 3.34
C ILE A 2 -4.17 3.06 2.72
N TRP A 3 -3.04 3.20 1.99
CA TRP A 3 -2.36 2.04 1.32
C TRP A 3 -1.31 1.26 2.17
N GLY A 4 -0.47 1.96 2.94
CA GLY A 4 0.59 1.33 3.80
C GLY A 4 1.61 0.42 3.08
N SET A 5 2.38 0.99 2.13
CA SET A 5 3.40 0.24 1.35
CB SET A 5 4.52 1.24 0.92
OG SET A 5 4.26 2.35 0.45
NT SET A 5 1.66 -1.42 0.19
C SET A 5 2.76 -0.42 0.07
H SET A 5 2.20 1.99 1.97
HA SET A 5 3.93 -0.48 2.03
HB2 SET A 5 2.37 0.39 -0.58
HB3 SET A 5 3.58 -0.87 -0.53
HNT2 SET A 5 1.05 -1.56 1.01
N SER A 6 5.79 0.81 1.04
CA SER A 6 6.97 1.64 0.69
C SER A 6 7.23 1.69 -0.84
N GLY A 7 7.10 2.89 -1.44
CA GLY A 7 7.32 3.07 -2.90
C GLY A 7 6.04 2.87 -3.75
N LYS A 8 5.64 1.60 -3.92
CA LYS A 8 4.44 1.21 -4.69
C LYS A 8 3.20 1.23 -3.73
N LEU A 9 2.54 2.39 -3.64
CA LEU A 9 1.36 2.61 -2.77
C LEU A 9 0.02 2.08 -3.38
N ILE A 10 -0.23 0.76 -3.23
CA ILE A 10 -1.46 0.09 -3.73
C ILE A 10 -1.63 -1.28 -2.98
N GLU A 11 -2.07 -1.24 -1.71
CA GLU A 11 -2.31 -2.46 -0.88
C GLU A 11 -3.63 -2.17 -0.08
N THR A 12 -4.83 -2.65 -0.52
CA THR A 12 -6.12 -2.39 0.22
C THR A 12 -6.15 -2.85 1.72
N THR A 13 -5.60 -4.03 2.06
CA THR A 13 -5.55 -4.53 3.47
C THR A 13 -4.61 -3.70 4.41
N ALA A 14 -3.37 -3.38 3.98
CA ALA A 14 -2.41 -2.58 4.79
C ALA A 14 -2.75 -1.07 4.91
C ACE A 1 -3.88 7.59 -1.12
O ACE A 1 -2.96 7.72 -1.93
CH3 ACE A 1 -5.30 8.03 -1.47
H1 ACE A 1 -5.66 8.81 -0.77
H2 ACE A 1 -5.34 8.45 -2.48
H3 ACE A 1 -6.01 7.19 -1.42
N ILE A 2 -3.73 7.07 0.11
CA ILE A 2 -2.43 6.56 0.64
C ILE A 2 -2.76 5.21 1.34
N TRP A 3 -2.32 4.08 0.74
CA TRP A 3 -2.57 2.72 1.30
C TRP A 3 -1.57 2.16 2.36
N GLY A 4 -0.38 2.75 2.50
CA GLY A 4 0.64 2.30 3.48
C GLY A 4 1.53 1.14 2.98
N SET A 5 2.39 1.44 2.00
CA SET A 5 3.32 0.45 1.39
CB SET A 5 4.55 1.24 0.85
OG SET A 5 4.40 2.29 0.22
NT SET A 5 1.38 -1.16 0.49
C SET A 5 2.64 -0.38 0.24
H SET A 5 2.36 2.41 1.68
HA SET A 5 3.76 -0.19 2.22
HB2 SET A 5 2.42 0.31 -0.60
HB3 SET A 5 3.39 -1.07 -0.18
HNT2 SET A 5 0.81 -1.15 1.34
N SER A 6 5.76 0.69 1.07
CA SER A 6 7.04 1.34 0.66
C SER A 6 7.23 1.46 -0.89
N GLY A 7 7.23 2.71 -1.40
CA GLY A 7 7.42 2.98 -2.85
C GLY A 7 6.11 2.99 -3.67
N LYS A 8 5.60 1.78 -3.96
CA LYS A 8 4.38 1.58 -4.76
C LYS A 8 3.18 1.38 -3.79
N LEU A 9 2.45 2.48 -3.52
CA LEU A 9 1.28 2.49 -2.61
C LEU A 9 0.00 1.94 -3.32
N ILE A 10 -0.21 0.61 -3.23
CA ILE A 10 -1.38 -0.08 -3.83
C ILE A 10 -1.69 -1.36 -3.00
N GLU A 11 -2.25 -1.17 -1.79
CA GLU A 11 -2.63 -2.27 -0.87
C GLU A 11 -4.13 -2.03 -0.44
N THR A 12 -5.10 -2.27 -1.35
CA THR A 12 -6.56 -2.09 -1.04
C THR A 12 -7.08 -3.14 0.00
N THR A 13 -7.06 -4.44 -0.34
CA THR A 13 -7.51 -5.53 0.58
C THR A 13 -6.24 -6.15 1.24
N ALA A 14 -5.81 -5.56 2.38
CA ALA A 14 -4.61 -6.02 3.12
C ALA A 14 -5.01 -7.08 4.19
#